data_1Y47
# 
_entry.id   1Y47 
# 
_audit_conform.dict_name       mmcif_pdbx.dic 
_audit_conform.dict_version    5.376 
_audit_conform.dict_location   http://mmcif.pdb.org/dictionaries/ascii/mmcif_pdbx.dic 
# 
loop_
_database_2.database_id 
_database_2.database_code 
_database_2.pdbx_database_accession 
_database_2.pdbx_DOI 
PDB   1Y47         pdb_00001y47 10.2210/pdb1y47/pdb 
RCSB  RCSB031094   ?            ?                   
WWPDB D_1000031094 ?            ?                   
# 
_pdbx_database_status.status_code                     REL 
_pdbx_database_status.entry_id                        1Y47 
_pdbx_database_status.recvd_initial_deposition_date   2004-11-30 
_pdbx_database_status.deposit_site                    RCSB 
_pdbx_database_status.process_site                    RCSB 
_pdbx_database_status.status_code_sf                  ? 
_pdbx_database_status.status_code_mr                  ? 
_pdbx_database_status.SG_entry                        ? 
_pdbx_database_status.pdb_format_compatible           Y 
_pdbx_database_status.status_code_cs                  ? 
_pdbx_database_status.status_code_nmr_data            ? 
_pdbx_database_status.methods_development_category    ? 
# 
loop_
_audit_author.name 
_audit_author.pdbx_ordinal 
'Lahr, S.J.'     1 
'Engel, D.E.'    2 
'Stayrook, S.E.' 3 
'Maglio, O.'     4 
'North, B.'      5 
'Geremia, S.'    6 
'Lombardi, A.'   7 
'DeGrado, W.F.'  8 
# 
_citation.id                        primary 
_citation.title                     'Analysis and design of turns in alpha-helical hairpins' 
_citation.journal_abbrev            J.Mol.Biol. 
_citation.journal_volume            346 
_citation.page_first                1441 
_citation.page_last                 1454 
_citation.year                      2005 
_citation.journal_id_ASTM           JMOBAK 
_citation.country                   UK 
_citation.journal_id_ISSN           0022-2836 
_citation.journal_id_CSD            0070 
_citation.book_publisher            ? 
_citation.pdbx_database_id_PubMed   15713492 
_citation.pdbx_database_id_DOI      10.1016/j.jmb.2004.12.016 
# 
loop_
_citation_author.citation_id 
_citation_author.name 
_citation_author.ordinal 
_citation_author.identifier_ORCID 
primary 'Lahr, S.J.'     1 ? 
primary 'Engel, D.E.'    2 ? 
primary 'Stayrook, S.E.' 3 ? 
primary 'Maglio, O.'     4 ? 
primary 'North, B.'      5 ? 
primary 'Geremia, S.'    6 ? 
primary 'Lombardi, A.'   7 ? 
primary 'DeGrado, W.F.'  8 ? 
# 
_cell.entry_id           1Y47 
_cell.length_a           48.274 
_cell.length_b           39.017 
_cell.length_c           46.891 
_cell.angle_alpha        90.00 
_cell.angle_beta         90.00 
_cell.angle_gamma        90.00 
_cell.Z_PDB              8 
_cell.pdbx_unique_axis   ? 
# 
_symmetry.entry_id                         1Y47 
_symmetry.space_group_name_H-M             'P 21 21 2' 
_symmetry.pdbx_full_space_group_name_H-M   ? 
_symmetry.cell_setting                     ? 
_symmetry.Int_Tables_number                18 
_symmetry.space_group_name_Hall            ? 
# 
loop_
_entity.id 
_entity.type 
_entity.src_method 
_entity.pdbx_description 
_entity.formula_weight 
_entity.pdbx_number_of_molecules 
_entity.pdbx_ec 
_entity.pdbx_mutation 
_entity.pdbx_fragment 
_entity.details 
1 polymer     syn 'dueferri (DF2)' 5600.354 2 ? ? ? ? 
2 non-polymer syn 'CADMIUM ION'    112.411  3 ? ? ? ? 
3 water       nat water            18.015   3 ? ? ? ? 
# 
_entity_poly.entity_id                      1 
_entity_poly.type                           'polypeptide(L)' 
_entity_poly.nstd_linkage                   no 
_entity_poly.nstd_monomer                   no 
_entity_poly.pdbx_seq_one_letter_code       DYLRELYKLEQQAMKLYREASERVGDPVLAKILEDEEKHIEWLETI 
_entity_poly.pdbx_seq_one_letter_code_can   DYLRELYKLEQQAMKLYREASERVGDPVLAKILEDEEKHIEWLETI 
_entity_poly.pdbx_strand_id                 A,B 
_entity_poly.pdbx_target_identifier         ? 
# 
loop_
_entity_poly_seq.entity_id 
_entity_poly_seq.num 
_entity_poly_seq.mon_id 
_entity_poly_seq.hetero 
1 1  ASP n 
1 2  TYR n 
1 3  LEU n 
1 4  ARG n 
1 5  GLU n 
1 6  LEU n 
1 7  TYR n 
1 8  LYS n 
1 9  LEU n 
1 10 GLU n 
1 11 GLN n 
1 12 GLN n 
1 13 ALA n 
1 14 MET n 
1 15 LYS n 
1 16 LEU n 
1 17 TYR n 
1 18 ARG n 
1 19 GLU n 
1 20 ALA n 
1 21 SER n 
1 22 GLU n 
1 23 ARG n 
1 24 VAL n 
1 25 GLY n 
1 26 ASP n 
1 27 PRO n 
1 28 VAL n 
1 29 LEU n 
1 30 ALA n 
1 31 LYS n 
1 32 ILE n 
1 33 LEU n 
1 34 GLU n 
1 35 ASP n 
1 36 GLU n 
1 37 GLU n 
1 38 LYS n 
1 39 HIS n 
1 40 ILE n 
1 41 GLU n 
1 42 TRP n 
1 43 LEU n 
1 44 GLU n 
1 45 THR n 
1 46 ILE n 
# 
_pdbx_entity_src_syn.entity_id              1 
_pdbx_entity_src_syn.pdbx_src_id            1 
_pdbx_entity_src_syn.pdbx_alt_source_flag   sample 
_pdbx_entity_src_syn.pdbx_beg_seq_num       ? 
_pdbx_entity_src_syn.pdbx_end_seq_num       ? 
_pdbx_entity_src_syn.organism_scientific    ? 
_pdbx_entity_src_syn.organism_common_name   ? 
_pdbx_entity_src_syn.ncbi_taxonomy_id       ? 
_pdbx_entity_src_syn.details                'designed peptide' 
# 
_struct_ref.id                         1 
_struct_ref.entity_id                  1 
_struct_ref.db_name                    PDB 
_struct_ref.db_code                    1Y47 
_struct_ref.pdbx_db_accession          1Y47 
_struct_ref.pdbx_db_isoform            ? 
_struct_ref.pdbx_seq_one_letter_code   ? 
_struct_ref.pdbx_align_begin           ? 
# 
loop_
_struct_ref_seq.align_id 
_struct_ref_seq.ref_id 
_struct_ref_seq.pdbx_PDB_id_code 
_struct_ref_seq.pdbx_strand_id 
_struct_ref_seq.seq_align_beg 
_struct_ref_seq.pdbx_seq_align_beg_ins_code 
_struct_ref_seq.seq_align_end 
_struct_ref_seq.pdbx_seq_align_end_ins_code 
_struct_ref_seq.pdbx_db_accession 
_struct_ref_seq.db_align_beg 
_struct_ref_seq.pdbx_db_align_beg_ins_code 
_struct_ref_seq.db_align_end 
_struct_ref_seq.pdbx_db_align_end_ins_code 
_struct_ref_seq.pdbx_auth_seq_align_beg 
_struct_ref_seq.pdbx_auth_seq_align_end 
1 1 1Y47 A 1 ? 46 ? 1Y47 1 ? 46 ? 1 46 
2 1 1Y47 B 1 ? 46 ? 1Y47 1 ? 46 ? 1 46 
# 
loop_
_chem_comp.id 
_chem_comp.type 
_chem_comp.mon_nstd_flag 
_chem_comp.name 
_chem_comp.pdbx_synonyms 
_chem_comp.formula 
_chem_comp.formula_weight 
ALA 'L-peptide linking' y ALANINE         ? 'C3 H7 N O2'     89.093  
ARG 'L-peptide linking' y ARGININE        ? 'C6 H15 N4 O2 1' 175.209 
ASP 'L-peptide linking' y 'ASPARTIC ACID' ? 'C4 H7 N O4'     133.103 
CD  non-polymer         . 'CADMIUM ION'   ? 'Cd 2'           112.411 
GLN 'L-peptide linking' y GLUTAMINE       ? 'C5 H10 N2 O3'   146.144 
GLU 'L-peptide linking' y 'GLUTAMIC ACID' ? 'C5 H9 N O4'     147.129 
GLY 'peptide linking'   y GLYCINE         ? 'C2 H5 N O2'     75.067  
HIS 'L-peptide linking' y HISTIDINE       ? 'C6 H10 N3 O2 1' 156.162 
HOH non-polymer         . WATER           ? 'H2 O'           18.015  
ILE 'L-peptide linking' y ISOLEUCINE      ? 'C6 H13 N O2'    131.173 
LEU 'L-peptide linking' y LEUCINE         ? 'C6 H13 N O2'    131.173 
LYS 'L-peptide linking' y LYSINE          ? 'C6 H15 N2 O2 1' 147.195 
MET 'L-peptide linking' y METHIONINE      ? 'C5 H11 N O2 S'  149.211 
PRO 'L-peptide linking' y PROLINE         ? 'C5 H9 N O2'     115.130 
SER 'L-peptide linking' y SERINE          ? 'C3 H7 N O3'     105.093 
THR 'L-peptide linking' y THREONINE       ? 'C4 H9 N O3'     119.119 
TRP 'L-peptide linking' y TRYPTOPHAN      ? 'C11 H12 N2 O2'  204.225 
TYR 'L-peptide linking' y TYROSINE        ? 'C9 H11 N O3'    181.189 
VAL 'L-peptide linking' y VALINE          ? 'C5 H11 N O2'    117.146 
# 
_exptl.entry_id          1Y47 
_exptl.method            'X-RAY DIFFRACTION' 
_exptl.crystals_number   1 
# 
_exptl_crystal.id                    1 
_exptl_crystal.density_meas          ? 
_exptl_crystal.density_Matthews      1.7 
_exptl_crystal.density_percent_sol   31 
_exptl_crystal.description           ? 
_exptl_crystal.F_000                 ? 
_exptl_crystal.preparation           ? 
# 
_exptl_crystal_grow.crystal_id      1 
_exptl_crystal_grow.method          'VAPOR DIFFUSION, HANGING DROP' 
_exptl_crystal_grow.temp            291 
_exptl_crystal_grow.temp_details    ? 
_exptl_crystal_grow.pH              4.6 
_exptl_crystal_grow.pdbx_details    
'22% PEG MW 400, 0.1 M CdCl2, 0.1 M sodium acetate pH 4.6, VAPOR DIFFUSION, HANGING DROP, temperature 291K' 
_exptl_crystal_grow.pdbx_pH_range   . 
# 
_diffrn.id                     1 
_diffrn.ambient_temp           100 
_diffrn.ambient_temp_details   ? 
_diffrn.crystal_id             1 
# 
_diffrn_detector.diffrn_id              1 
_diffrn_detector.detector               'IMAGE PLATE' 
_diffrn_detector.type                   MARRESEARCH 
_diffrn_detector.pdbx_collection_date   2001-04-23 
_diffrn_detector.details                'Osmic mirrors' 
# 
_diffrn_radiation.diffrn_id                        1 
_diffrn_radiation.wavelength_id                    1 
_diffrn_radiation.pdbx_monochromatic_or_laue_m_l   M 
_diffrn_radiation.monochromator                    'Osmic Mirrors' 
_diffrn_radiation.pdbx_diffrn_protocol             'SINGLE WAVELENGTH' 
_diffrn_radiation.pdbx_scattering_type             x-ray 
# 
_diffrn_radiation_wavelength.id           1 
_diffrn_radiation_wavelength.wavelength   1.5418 
_diffrn_radiation_wavelength.wt           1.0 
# 
_diffrn_source.diffrn_id                   1 
_diffrn_source.source                      'ROTATING ANODE' 
_diffrn_source.type                        'RIGAKU RU300' 
_diffrn_source.pdbx_synchrotron_site       ? 
_diffrn_source.pdbx_synchrotron_beamline   ? 
_diffrn_source.pdbx_wavelength             ? 
_diffrn_source.pdbx_wavelength_list        1.5418 
# 
_reflns.entry_id                     1Y47 
_reflns.observed_criterion_sigma_I   0.0 
_reflns.observed_criterion_sigma_F   0.0 
_reflns.d_resolution_low             15.0 
_reflns.d_resolution_high            2.7 
_reflns.number_obs                   2625 
_reflns.number_all                   2640 
_reflns.percent_possible_obs         99.7 
_reflns.pdbx_Rmerge_I_obs            0.08 
_reflns.pdbx_Rsym_value              0.08 
_reflns.pdbx_netI_over_sigmaI        ? 
_reflns.B_iso_Wilson_estimate        86.1 
_reflns.pdbx_redundancy              10.5 
_reflns.R_free_details               ? 
_reflns.limit_h_max                  ? 
_reflns.limit_h_min                  ? 
_reflns.limit_k_max                  ? 
_reflns.limit_k_min                  ? 
_reflns.limit_l_max                  ? 
_reflns.limit_l_min                  ? 
_reflns.observed_criterion_F_max     ? 
_reflns.observed_criterion_F_min     ? 
_reflns.pdbx_chi_squared             ? 
_reflns.pdbx_scaling_rejects         ? 
_reflns.pdbx_ordinal                 1 
_reflns.pdbx_diffrn_id               1 
# 
_reflns_shell.d_res_high             2.7 
_reflns_shell.d_res_low              2.87 
_reflns_shell.percent_possible_all   97.1 
_reflns_shell.Rmerge_I_obs           0.365 
_reflns_shell.pdbx_Rsym_value        ? 
_reflns_shell.meanI_over_sigI_obs    ? 
_reflns_shell.pdbx_redundancy        9.6 
_reflns_shell.percent_possible_obs   ? 
_reflns_shell.number_unique_all      379 
_reflns_shell.number_measured_all    ? 
_reflns_shell.number_measured_obs    ? 
_reflns_shell.number_unique_obs      ? 
_reflns_shell.pdbx_chi_squared       ? 
_reflns_shell.pdbx_ordinal           1 
_reflns_shell.pdbx_diffrn_id         1 
# 
_refine.entry_id                                 1Y47 
_refine.ls_number_reflns_obs                     2625 
_refine.ls_number_reflns_all                     2640 
_refine.pdbx_ls_sigma_I                          ? 
_refine.pdbx_ls_sigma_F                          0.0 
_refine.pdbx_data_cutoff_high_absF               492107.92 
_refine.pdbx_data_cutoff_low_absF                0.000000 
_refine.pdbx_data_cutoff_high_rms_absF           ? 
_refine.ls_d_res_low                             15.00 
_refine.ls_d_res_high                            2.70 
_refine.ls_percent_reflns_obs                    99.4 
_refine.ls_R_factor_obs                          0.234 
_refine.ls_R_factor_all                          0.236 
_refine.ls_R_factor_R_work                       0.234 
_refine.ls_R_factor_R_free                       0.259 
_refine.ls_R_factor_R_free_error                 0.020 
_refine.ls_R_factor_R_free_error_details         ? 
_refine.ls_percent_reflns_R_free                 6.6 
_refine.ls_number_reflns_R_free                  172 
_refine.ls_number_parameters                     ? 
_refine.ls_number_restraints                     ? 
_refine.occupancy_min                            ? 
_refine.occupancy_max                            ? 
_refine.correlation_coeff_Fo_to_Fc               ? 
_refine.correlation_coeff_Fo_to_Fc_free          ? 
_refine.B_iso_mean                               62.0 
_refine.aniso_B[1][1]                            -3.19 
_refine.aniso_B[2][2]                            -8.95 
_refine.aniso_B[3][3]                            12.14 
_refine.aniso_B[1][2]                            0.00 
_refine.aniso_B[1][3]                            0.00 
_refine.aniso_B[2][3]                            0.00 
_refine.solvent_model_details                    'FLAT MODEL' 
_refine.solvent_model_param_ksol                 0.468996 
_refine.solvent_model_param_bsol                 83.7173 
_refine.pdbx_solvent_vdw_probe_radii             ? 
_refine.pdbx_solvent_ion_probe_radii             ? 
_refine.pdbx_solvent_shrinkage_radii             ? 
_refine.pdbx_ls_cross_valid_method               THROUGHOUT 
_refine.details                                  ? 
_refine.pdbx_starting_model                      'PDB ENTRY 1EC5' 
_refine.pdbx_method_to_determine_struct          'MOLECULAR REPLACEMENT' 
_refine.pdbx_isotropic_thermal_model             RESTRAINED 
_refine.pdbx_stereochemistry_target_values       'Engh & Huber' 
_refine.pdbx_stereochem_target_val_spec_case     ? 
_refine.pdbx_R_Free_selection_details            RANDOM 
_refine.pdbx_overall_ESU_R                       ? 
_refine.pdbx_overall_ESU_R_Free                  ? 
_refine.overall_SU_ML                            ? 
_refine.overall_SU_B                             ? 
_refine.ls_redundancy_reflns_obs                 ? 
_refine.B_iso_min                                ? 
_refine.B_iso_max                                ? 
_refine.overall_SU_R_Cruickshank_DPI             ? 
_refine.overall_SU_R_free                        ? 
_refine.ls_wR_factor_R_free                      ? 
_refine.ls_wR_factor_R_work                      ? 
_refine.overall_FOM_free_R_set                   ? 
_refine.overall_FOM_work_R_set                   ? 
_refine.pdbx_refine_id                           'X-RAY DIFFRACTION' 
_refine.pdbx_diffrn_id                           1 
_refine.pdbx_TLS_residual_ADP_flag               ? 
_refine.pdbx_overall_phase_error                 ? 
_refine.pdbx_overall_SU_R_free_Cruickshank_DPI   ? 
_refine.pdbx_overall_SU_R_Blow_DPI               ? 
_refine.pdbx_overall_SU_R_free_Blow_DPI          ? 
# 
_refine_analyze.entry_id                        1Y47 
_refine_analyze.Luzzati_coordinate_error_obs    0.33 
_refine_analyze.Luzzati_sigma_a_obs             0.26 
_refine_analyze.Luzzati_d_res_low_obs           5.00 
_refine_analyze.Luzzati_coordinate_error_free   0.47 
_refine_analyze.Luzzati_sigma_a_free            0.43 
_refine_analyze.Luzzati_d_res_low_free          ? 
_refine_analyze.number_disordered_residues      ? 
_refine_analyze.occupancy_sum_hydrogen          ? 
_refine_analyze.occupancy_sum_non_hydrogen      ? 
_refine_analyze.pdbx_Luzzati_d_res_high_obs     ? 
_refine_analyze.pdbx_refine_id                  'X-RAY DIFFRACTION' 
# 
_refine_hist.pdbx_refine_id                   'X-RAY DIFFRACTION' 
_refine_hist.cycle_id                         LAST 
_refine_hist.pdbx_number_atoms_protein        788 
_refine_hist.pdbx_number_atoms_nucleic_acid   0 
_refine_hist.pdbx_number_atoms_ligand         3 
_refine_hist.number_atoms_solvent             3 
_refine_hist.number_atoms_total               794 
_refine_hist.d_res_high                       2.70 
_refine_hist.d_res_low                        15.00 
# 
loop_
_refine_ls_restr.type 
_refine_ls_restr.dev_ideal 
_refine_ls_restr.dev_ideal_target 
_refine_ls_restr.weight 
_refine_ls_restr.number 
_refine_ls_restr.pdbx_refine_id 
_refine_ls_restr.pdbx_restraint_function 
c_bond_d           0.007 ?    ? ? 'X-RAY DIFFRACTION' ? 
c_angle_deg        1.2   ?    ? ? 'X-RAY DIFFRACTION' ? 
c_dihedral_angle_d 18.9  ?    ? ? 'X-RAY DIFFRACTION' ? 
c_improper_angle_d 0.65  ?    ? ? 'X-RAY DIFFRACTION' ? 
c_mcbond_it        2.33  1.50 ? ? 'X-RAY DIFFRACTION' ? 
c_mcangle_it       3.99  2.00 ? ? 'X-RAY DIFFRACTION' ? 
c_scbond_it        5.59  2.00 ? ? 'X-RAY DIFFRACTION' ? 
c_scangle_it       7.88  2.50 ? ? 'X-RAY DIFFRACTION' ? 
# 
_refine_ls_shell.pdbx_total_number_of_bins_used   6 
_refine_ls_shell.d_res_high                       2.70 
_refine_ls_shell.d_res_low                        2.87 
_refine_ls_shell.number_reflns_R_work             379 
_refine_ls_shell.R_factor_R_work                  0.274 
_refine_ls_shell.percent_reflns_obs               97.1 
_refine_ls_shell.R_factor_R_free                  0.337 
_refine_ls_shell.R_factor_R_free_error            0.062 
_refine_ls_shell.percent_reflns_R_free            7.3 
_refine_ls_shell.number_reflns_R_free             30 
_refine_ls_shell.number_reflns_obs                ? 
_refine_ls_shell.redundancy_reflns_obs            ? 
_refine_ls_shell.number_reflns_all                ? 
_refine_ls_shell.pdbx_refine_id                   'X-RAY DIFFRACTION' 
_refine_ls_shell.R_factor_all                     ? 
# 
loop_
_pdbx_xplor_file.serial_no 
_pdbx_xplor_file.param_file 
_pdbx_xplor_file.topol_file 
_pdbx_xplor_file.pdbx_refine_id 
1 PROTEIN_REP.PARAM PROTEIN.TOP 'X-RAY DIFFRACTION' 
2 WATER_REP.PARAM   WATER.TOP   'X-RAY DIFFRACTION' 
3 ION.PARAM         ION.TOP     'X-RAY DIFFRACTION' 
# 
_struct.entry_id                  1Y47 
_struct.title                     'Structural studies of designed alpha-helical hairpins' 
_struct.pdbx_model_details        ? 
_struct.pdbx_CASP_flag            ? 
_struct.pdbx_model_type_details   ? 
# 
_struct_keywords.entry_id        1Y47 
_struct_keywords.pdbx_keywords   'DE NOVO PROTEIN' 
_struct_keywords.text            'Protein design, helical hairpin, turns, diiron proteins, DE NOVO PROTEIN' 
# 
loop_
_struct_asym.id 
_struct_asym.pdbx_blank_PDB_chainid_flag 
_struct_asym.pdbx_modified 
_struct_asym.entity_id 
_struct_asym.details 
A N N 1 ? 
B N N 1 ? 
C N N 2 ? 
D N N 2 ? 
E N N 2 ? 
F N N 3 ? 
G N N 3 ? 
# 
loop_
_struct_biol.id 
_struct_biol.details 
_struct_biol.pdbx_parent_biol_id 
1 'the biological assembly is a dimer generated by the two fold axis' ? 
2 ?                                                                   ? 
# 
loop_
_struct_conf.conf_type_id 
_struct_conf.id 
_struct_conf.pdbx_PDB_helix_id 
_struct_conf.beg_label_comp_id 
_struct_conf.beg_label_asym_id 
_struct_conf.beg_label_seq_id 
_struct_conf.pdbx_beg_PDB_ins_code 
_struct_conf.end_label_comp_id 
_struct_conf.end_label_asym_id 
_struct_conf.end_label_seq_id 
_struct_conf.pdbx_end_PDB_ins_code 
_struct_conf.beg_auth_comp_id 
_struct_conf.beg_auth_asym_id 
_struct_conf.beg_auth_seq_id 
_struct_conf.end_auth_comp_id 
_struct_conf.end_auth_asym_id 
_struct_conf.end_auth_seq_id 
_struct_conf.pdbx_PDB_helix_class 
_struct_conf.details 
_struct_conf.pdbx_PDB_helix_length 
HELX_P HELX_P1 1 ASP A 1  ? VAL A 24 ? ASP A 1  VAL A 24 1 ? 24 
HELX_P HELX_P2 2 ASP A 26 ? GLU A 44 ? ASP A 26 GLU A 44 1 ? 19 
HELX_P HELX_P3 3 ASP B 1  ? VAL B 24 ? ASP B 1  VAL B 24 1 ? 24 
HELX_P HELX_P4 4 ASP B 26 ? GLU B 44 ? ASP B 26 GLU B 44 1 ? 19 
# 
_struct_conf_type.id          HELX_P 
_struct_conf_type.criteria    ? 
_struct_conf_type.reference   ? 
# 
loop_
_struct_conn.id 
_struct_conn.conn_type_id 
_struct_conn.pdbx_leaving_atom_flag 
_struct_conn.pdbx_PDB_id 
_struct_conn.ptnr1_label_asym_id 
_struct_conn.ptnr1_label_comp_id 
_struct_conn.ptnr1_label_seq_id 
_struct_conn.ptnr1_label_atom_id 
_struct_conn.pdbx_ptnr1_label_alt_id 
_struct_conn.pdbx_ptnr1_PDB_ins_code 
_struct_conn.pdbx_ptnr1_standard_comp_id 
_struct_conn.ptnr1_symmetry 
_struct_conn.ptnr2_label_asym_id 
_struct_conn.ptnr2_label_comp_id 
_struct_conn.ptnr2_label_seq_id 
_struct_conn.ptnr2_label_atom_id 
_struct_conn.pdbx_ptnr2_label_alt_id 
_struct_conn.pdbx_ptnr2_PDB_ins_code 
_struct_conn.ptnr1_auth_asym_id 
_struct_conn.ptnr1_auth_comp_id 
_struct_conn.ptnr1_auth_seq_id 
_struct_conn.ptnr2_auth_asym_id 
_struct_conn.ptnr2_auth_comp_id 
_struct_conn.ptnr2_auth_seq_id 
_struct_conn.ptnr2_symmetry 
_struct_conn.pdbx_ptnr3_label_atom_id 
_struct_conn.pdbx_ptnr3_label_seq_id 
_struct_conn.pdbx_ptnr3_label_comp_id 
_struct_conn.pdbx_ptnr3_label_asym_id 
_struct_conn.pdbx_ptnr3_label_alt_id 
_struct_conn.pdbx_ptnr3_PDB_ins_code 
_struct_conn.details 
_struct_conn.pdbx_dist_value 
_struct_conn.pdbx_value_order 
_struct_conn.pdbx_role 
metalc1  metalc ? ? A GLU 10 OE2 ? ? ? 1_555 C CD . CD ? ? A GLU 10 A CD 60 1_555 ? ? ? ? ? ? ? 2.599 ? ? 
metalc2  metalc ? ? A GLU 10 OE1 ? ? ? 1_555 C CD . CD ? ? A GLU 10 A CD 60 1_555 ? ? ? ? ? ? ? 2.450 ? ? 
metalc3  metalc ? ? A GLU 36 OE1 ? ? ? 1_555 C CD . CD ? ? A GLU 36 A CD 60 1_555 ? ? ? ? ? ? ? 2.343 ? ? 
metalc4  metalc ? ? A GLU 36 OE1 ? ? ? 2_555 C CD . CD ? ? A GLU 36 A CD 60 1_555 ? ? ? ? ? ? ? 2.927 ? ? 
metalc5  metalc ? ? A GLU 36 OE2 ? ? ? 2_555 C CD . CD ? ? A GLU 36 A CD 60 1_555 ? ? ? ? ? ? ? 2.340 ? ? 
metalc6  metalc ? ? A HIS 39 ND1 ? ? ? 1_555 C CD . CD ? ? A HIS 39 A CD 60 1_555 ? ? ? ? ? ? ? 2.379 ? ? 
metalc7  metalc ? ? B GLU 10 OE1 ? ? ? 1_555 D CD . CD ? ? B GLU 10 B CD 61 1_555 ? ? ? ? ? ? ? 2.574 ? ? 
metalc8  metalc ? ? B GLU 10 OE2 ? ? ? 1_555 D CD . CD ? ? B GLU 10 B CD 61 1_555 ? ? ? ? ? ? ? 2.494 ? ? 
metalc9  metalc ? ? B GLU 19 OE1 ? ? ? 1_555 E CD . CD ? ? B GLU 19 B CD 62 1_555 ? ? ? ? ? ? ? 2.649 ? ? 
metalc10 metalc ? ? B GLU 36 OE1 ? ? ? 1_555 D CD . CD ? ? B GLU 36 B CD 61 1_555 ? ? ? ? ? ? ? 2.479 ? ? 
metalc11 metalc ? ? B GLU 36 OE2 ? ? ? 2_655 D CD . CD ? ? B GLU 36 B CD 61 1_555 ? ? ? ? ? ? ? 2.382 ? ? 
metalc12 metalc ? ? B HIS 39 ND1 ? ? ? 1_555 D CD . CD ? ? B HIS 39 B CD 61 1_555 ? ? ? ? ? ? ? 2.384 ? ? 
metalc13 metalc ? ? B GLU 44 OE2 ? ? ? 3_546 E CD . CD ? ? B GLU 44 B CD 62 1_555 ? ? ? ? ? ? ? 2.606 ? ? 
metalc14 metalc ? ? B GLU 44 OE1 ? ? ? 3_546 E CD . CD ? ? B GLU 44 B CD 62 1_555 ? ? ? ? ? ? ? 2.619 ? ? 
# 
_struct_conn_type.id          metalc 
_struct_conn_type.criteria    ? 
_struct_conn_type.reference   ? 
# 
loop_
_struct_site.id 
_struct_site.pdbx_evidence_code 
_struct_site.pdbx_auth_asym_id 
_struct_site.pdbx_auth_comp_id 
_struct_site.pdbx_auth_seq_id 
_struct_site.pdbx_auth_ins_code 
_struct_site.pdbx_num_residues 
_struct_site.details 
AC1 Software A CD 60 ? 4 'BINDING SITE FOR RESIDUE CD A 60' 
AC2 Software B CD 61 ? 4 'BINDING SITE FOR RESIDUE CD B 61' 
AC3 Software B CD 62 ? 2 'BINDING SITE FOR RESIDUE CD B 62' 
# 
loop_
_struct_site_gen.id 
_struct_site_gen.site_id 
_struct_site_gen.pdbx_num_res 
_struct_site_gen.label_comp_id 
_struct_site_gen.label_asym_id 
_struct_site_gen.label_seq_id 
_struct_site_gen.pdbx_auth_ins_code 
_struct_site_gen.auth_comp_id 
_struct_site_gen.auth_asym_id 
_struct_site_gen.auth_seq_id 
_struct_site_gen.label_atom_id 
_struct_site_gen.label_alt_id 
_struct_site_gen.symmetry 
_struct_site_gen.details 
1  AC1 4 GLU A 10 ? GLU A 10 . ? 1_555 ? 
2  AC1 4 GLU A 36 ? GLU A 36 . ? 1_555 ? 
3  AC1 4 GLU A 36 ? GLU A 36 . ? 2_555 ? 
4  AC1 4 HIS A 39 ? HIS A 39 . ? 1_555 ? 
5  AC2 4 GLU B 10 ? GLU B 10 . ? 1_555 ? 
6  AC2 4 GLU B 36 ? GLU B 36 . ? 1_555 ? 
7  AC2 4 GLU B 36 ? GLU B 36 . ? 2_655 ? 
8  AC2 4 HIS B 39 ? HIS B 39 . ? 1_555 ? 
9  AC3 2 GLU B 19 ? GLU B 19 . ? 1_555 ? 
10 AC3 2 GLU B 44 ? GLU B 44 . ? 3_546 ? 
# 
_atom_sites.entry_id                    1Y47 
_atom_sites.fract_transf_matrix[1][1]   0.00407028 
_atom_sites.fract_transf_matrix[1][2]   -0.00067352 
_atom_sites.fract_transf_matrix[1][3]   -0.02030001 
_atom_sites.fract_transf_matrix[2][1]   -0.02452469 
_atom_sites.fract_transf_matrix[2][2]   -0.00575297 
_atom_sites.fract_transf_matrix[2][3]   -0.00472648 
_atom_sites.fract_transf_matrix[3][1]   -0.00456312 
_atom_sites.fract_transf_matrix[3][2]   0.02077025 
_atom_sites.fract_transf_matrix[3][3]   -0.00160406 
_atom_sites.fract_transf_vector[1]      0.150071 
_atom_sites.fract_transf_vector[2]      0.049473 
_atom_sites.fract_transf_vector[3]      0.288152 
# 
loop_
_atom_type.symbol 
C  
CD 
N  
O  
S  
# 
loop_
_atom_site.group_PDB 
_atom_site.id 
_atom_site.type_symbol 
_atom_site.label_atom_id 
_atom_site.label_alt_id 
_atom_site.label_comp_id 
_atom_site.label_asym_id 
_atom_site.label_entity_id 
_atom_site.label_seq_id 
_atom_site.pdbx_PDB_ins_code 
_atom_site.Cartn_x 
_atom_site.Cartn_y 
_atom_site.Cartn_z 
_atom_site.occupancy 
_atom_site.B_iso_or_equiv 
_atom_site.pdbx_formal_charge 
_atom_site.auth_seq_id 
_atom_site.auth_comp_id 
_atom_site.auth_asym_id 
_atom_site.auth_atom_id 
_atom_site.pdbx_PDB_model_num 
ATOM   1   N  N   . ASP A 1 1  ? -6.140  -23.478 -1.708  1.00 91.18  ? 1  ASP A N   1 
ATOM   2   C  CA  . ASP A 1 1  ? -4.942  -23.031 -2.478  1.00 93.02  ? 1  ASP A CA  1 
ATOM   3   C  C   . ASP A 1 1  ? -3.995  -22.205 -1.612  1.00 91.92  ? 1  ASP A C   1 
ATOM   4   O  O   . ASP A 1 1  ? -3.910  -22.420 -0.404  1.00 91.08  ? 1  ASP A O   1 
ATOM   5   C  CB  . ASP A 1 1  ? -5.383  -22.223 -3.705  1.00 94.84  ? 1  ASP A CB  1 
ATOM   6   C  CG  . ASP A 1 1  ? -6.667  -21.456 -3.465  1.00 96.28  ? 1  ASP A CG  1 
ATOM   7   O  OD1 . ASP A 1 1  ? -7.724  -22.101 -3.307  1.00 97.76  ? 1  ASP A OD1 1 
ATOM   8   O  OD2 . ASP A 1 1  ? -6.620  -20.211 -3.433  1.00 98.07  ? 1  ASP A OD2 1 
ATOM   9   N  N   . TYR A 1 2  ? -3.275  -21.274 -2.233  1.00 90.50  ? 2  TYR A N   1 
ATOM   10  C  CA  . TYR A 1 2  ? -2.329  -20.418 -1.514  1.00 88.63  ? 2  TYR A CA  1 
ATOM   11  C  C   . TYR A 1 2  ? -2.989  -19.667 -0.368  1.00 85.34  ? 2  TYR A C   1 
ATOM   12  O  O   . TYR A 1 2  ? -2.504  -19.681 0.765   1.00 83.20  ? 2  TYR A O   1 
ATOM   13  C  CB  . TYR A 1 2  ? -1.690  -19.398 -2.463  1.00 89.99  ? 2  TYR A CB  1 
ATOM   14  C  CG  . TYR A 1 2  ? -0.442  -19.895 -3.146  1.00 96.24  ? 2  TYR A CG  1 
ATOM   15  C  CD1 . TYR A 1 2  ? 0.625   -20.403 -2.402  1.00 102.68 ? 2  TYR A CD1 1 
ATOM   16  C  CD2 . TYR A 1 2  ? -0.322  -19.862 -4.536  1.00 105.05 ? 2  TYR A CD2 1 
ATOM   17  C  CE1 . TYR A 1 2  ? 1.782   -20.873 -3.024  1.00 110.25 ? 2  TYR A CE1 1 
ATOM   18  C  CE2 . TYR A 1 2  ? 0.832   -20.328 -5.169  1.00 112.94 ? 2  TYR A CE2 1 
ATOM   19  C  CZ  . TYR A 1 2  ? 1.879   -20.833 -4.407  1.00 114.44 ? 2  TYR A CZ  1 
ATOM   20  O  OH  . TYR A 1 2  ? 3.017   -21.306 -5.027  1.00 118.40 ? 2  TYR A OH  1 
ATOM   21  N  N   . LEU A 1 3  ? -4.093  -19.003 -0.689  1.00 82.69  ? 3  LEU A N   1 
ATOM   22  C  CA  . LEU A 1 3  ? -4.856  -18.228 0.277   1.00 80.85  ? 3  LEU A CA  1 
ATOM   23  C  C   . LEU A 1 3  ? -5.002  -18.959 1.609   1.00 79.25  ? 3  LEU A C   1 
ATOM   24  O  O   . LEU A 1 3  ? -4.823  -18.365 2.676   1.00 78.70  ? 3  LEU A O   1 
ATOM   25  C  CB  . LEU A 1 3  ? -6.244  -17.920 -0.295  1.00 81.59  ? 3  LEU A CB  1 
ATOM   26  C  CG  . LEU A 1 3  ? -6.364  -17.010 -1.527  1.00 87.45  ? 3  LEU A CG  1 
ATOM   27  C  CD1 . LEU A 1 3  ? -5.553  -17.559 -2.703  1.00 93.20  ? 3  LEU A CD1 1 
ATOM   28  C  CD2 . LEU A 1 3  ? -7.834  -16.894 -1.910  1.00 84.49  ? 3  LEU A CD2 1 
ATOM   29  N  N   . ARG A 1 4  ? -5.316  -20.250 1.543   1.00 77.10  ? 4  ARG A N   1 
ATOM   30  C  CA  . ARG A 1 4  ? -5.506  -21.052 2.745   1.00 74.49  ? 4  ARG A CA  1 
ATOM   31  C  C   . ARG A 1 4  ? -4.270  -21.252 3.617   1.00 72.32  ? 4  ARG A C   1 
ATOM   32  O  O   . ARG A 1 4  ? -4.376  -21.219 4.845   1.00 73.25  ? 4  ARG A O   1 
ATOM   33  C  CB  . ARG A 1 4  ? -6.119  -22.404 2.377   1.00 74.49  ? 4  ARG A CB  1 
ATOM   34  C  CG  . ARG A 1 4  ? -7.569  -22.543 2.829   1.00 79.02  ? 4  ARG A CG  1 
ATOM   35  C  CD  . ARG A 1 4  ? -8.440  -21.375 2.360   1.00 86.82  ? 4  ARG A CD  1 
ATOM   36  N  NE  . ARG A 1 4  ? -9.157  -21.650 1.116   1.00 95.09  ? 4  ARG A NE  1 
ATOM   37  C  CZ  . ARG A 1 4  ? -8.582  -21.813 -0.072  1.00 102.01 ? 4  ARG A CZ  1 
ATOM   38  N  NH1 . ARG A 1 4  ? -7.267  -21.730 -0.199  1.00 106.84 ? 4  ARG A NH1 1 
ATOM   39  N  NH2 . ARG A 1 4  ? -9.330  -22.057 -1.139  1.00 105.44 ? 4  ARG A NH2 1 
ATOM   40  N  N   . GLU A 1 5  ? -3.104  -21.459 3.008   1.00 69.22  ? 5  GLU A N   1 
ATOM   41  C  CA  . GLU A 1 5  ? -1.887  -21.638 3.794   1.00 67.39  ? 5  GLU A CA  1 
ATOM   42  C  C   . GLU A 1 5  ? -1.286  -20.259 4.097   1.00 64.83  ? 5  GLU A C   1 
ATOM   43  O  O   . GLU A 1 5  ? -0.418  -20.121 4.961   1.00 64.08  ? 5  GLU A O   1 
ATOM   44  C  CB  . GLU A 1 5  ? -0.877  -22.525 3.052   1.00 68.97  ? 5  GLU A CB  1 
ATOM   45  C  CG  . GLU A 1 5  ? -0.275  -23.674 3.892   1.00 72.73  ? 5  GLU A CG  1 
ATOM   46  C  CD  . GLU A 1 5  ? -1.291  -24.757 4.297   1.00 83.21  ? 5  GLU A CD  1 
ATOM   47  O  OE1 . GLU A 1 5  ? -2.328  -24.909 3.615   1.00 90.14  ? 5  GLU A OE1 1 
ATOM   48  O  OE2 . GLU A 1 5  ? -1.041  -25.476 5.290   1.00 83.28  ? 5  GLU A OE2 1 
ATOM   49  N  N   . LEU A 1 6  ? -1.752  -19.240 3.376   1.00 60.36  ? 6  LEU A N   1 
ATOM   50  C  CA  . LEU A 1 6  ? -1.302  -17.870 3.605   1.00 57.92  ? 6  LEU A CA  1 
ATOM   51  C  C   . LEU A 1 6  ? -2.076  -17.367 4.815   1.00 57.76  ? 6  LEU A C   1 
ATOM   52  O  O   . LEU A 1 6  ? -1.586  -16.565 5.609   1.00 57.07  ? 6  LEU A O   1 
ATOM   53  C  CB  . LEU A 1 6  ? -1.611  -16.982 2.400   1.00 56.96  ? 6  LEU A CB  1 
ATOM   54  C  CG  . LEU A 1 6  ? -0.506  -16.804 1.358   1.00 59.66  ? 6  LEU A CG  1 
ATOM   55  C  CD1 . LEU A 1 6  ? 0.687   -16.116 2.008   1.00 57.05  ? 6  LEU A CD1 1 
ATOM   56  C  CD2 . LEU A 1 6  ? -0.096  -18.152 0.780   1.00 68.89  ? 6  LEU A CD2 1 
ATOM   57  N  N   . TYR A 1 7  ? -3.300  -17.866 4.934   1.00 58.68  ? 7  TYR A N   1 
ATOM   58  C  CA  . TYR A 1 7  ? -4.197  -17.530 6.025   1.00 57.62  ? 7  TYR A CA  1 
ATOM   59  C  C   . TYR A 1 7  ? -3.651  -18.118 7.320   1.00 57.62  ? 7  TYR A C   1 
ATOM   60  O  O   . TYR A 1 7  ? -3.590  -17.440 8.345   1.00 54.61  ? 7  TYR A O   1 
ATOM   61  C  CB  . TYR A 1 7  ? -5.573  -18.122 5.736   1.00 59.96  ? 7  TYR A CB  1 
ATOM   62  C  CG  . TYR A 1 7  ? -6.639  -17.788 6.753   1.00 65.74  ? 7  TYR A CG  1 
ATOM   63  C  CD1 . TYR A 1 7  ? -7.360  -16.596 6.673   1.00 75.49  ? 7  TYR A CD1 1 
ATOM   64  C  CD2 . TYR A 1 7  ? -6.950  -18.680 7.778   1.00 63.67  ? 7  TYR A CD2 1 
ATOM   65  C  CE1 . TYR A 1 7  ? -8.373  -16.308 7.585   1.00 75.99  ? 7  TYR A CE1 1 
ATOM   66  C  CE2 . TYR A 1 7  ? -7.955  -18.402 8.696   1.00 71.30  ? 7  TYR A CE2 1 
ATOM   67  C  CZ  . TYR A 1 7  ? -8.666  -17.219 8.594   1.00 75.58  ? 7  TYR A CZ  1 
ATOM   68  O  OH  . TYR A 1 7  ? -9.689  -16.965 9.479   1.00 75.16  ? 7  TYR A OH  1 
ATOM   69  N  N   . LYS A 1 8  ? -3.258  -19.389 7.267   1.00 58.76  ? 8  LYS A N   1 
ATOM   70  C  CA  . LYS A 1 8  ? -2.719  -20.076 8.439   1.00 61.14  ? 8  LYS A CA  1 
ATOM   71  C  C   . LYS A 1 8  ? -1.410  -19.444 8.881   1.00 58.08  ? 8  LYS A C   1 
ATOM   72  O  O   . LYS A 1 8  ? -1.127  -19.321 10.076  1.00 57.45  ? 8  LYS A O   1 
ATOM   73  C  CB  . LYS A 1 8  ? -2.486  -21.560 8.141   1.00 63.12  ? 8  LYS A CB  1 
ATOM   74  C  CG  . LYS A 1 8  ? -1.867  -22.326 9.312   1.00 72.80  ? 8  LYS A CG  1 
ATOM   75  C  CD  . LYS A 1 8  ? -1.704  -23.813 9.014   1.00 85.40  ? 8  LYS A CD  1 
ATOM   76  C  CE  . LYS A 1 8  ? -1.201  -24.567 10.240  1.00 89.50  ? 8  LYS A CE  1 
ATOM   77  N  NZ  . LYS A 1 8  ? -1.136  -26.032 9.997   1.00 97.51  ? 8  LYS A NZ  1 
ATOM   78  N  N   . LEU A 1 9  ? -0.607  -19.045 7.906   1.00 56.40  ? 9  LEU A N   1 
ATOM   79  C  CA  . LEU A 1 9  ? 0.665   -18.427 8.210   1.00 54.15  ? 9  LEU A CA  1 
ATOM   80  C  C   . LEU A 1 9  ? 0.399   -17.195 9.067   1.00 53.26  ? 9  LEU A C   1 
ATOM   81  O  O   . LEU A 1 9  ? 1.067   -16.979 10.075  1.00 55.86  ? 9  LEU A O   1 
ATOM   82  C  CB  . LEU A 1 9  ? 1.384   -18.061 6.909   1.00 53.70  ? 9  LEU A CB  1 
ATOM   83  C  CG  . LEU A 1 9  ? 2.912   -18.154 6.977   1.00 57.74  ? 9  LEU A CG  1 
ATOM   84  C  CD1 . LEU A 1 9  ? 3.437   -18.740 5.679   1.00 59.71  ? 9  LEU A CD1 1 
ATOM   85  C  CD2 . LEU A 1 9  ? 3.517   -16.784 7.253   1.00 55.72  ? 9  LEU A CD2 1 
ATOM   86  N  N   . GLU A 1 10 ? -0.600  -16.411 8.671   1.00 51.13  ? 10 GLU A N   1 
ATOM   87  C  CA  . GLU A 1 10 ? -0.971  -15.204 9.403   1.00 49.96  ? 10 GLU A CA  1 
ATOM   88  C  C   . GLU A 1 10 ? -1.386  -15.531 10.833  1.00 51.51  ? 10 GLU A C   1 
ATOM   89  O  O   . GLU A 1 10 ? -1.148  -14.744 11.751  1.00 53.62  ? 10 GLU A O   1 
ATOM   90  C  CB  . GLU A 1 10 ? -2.116  -14.482 8.693   1.00 49.61  ? 10 GLU A CB  1 
ATOM   91  C  CG  . GLU A 1 10 ? -1.746  -13.847 7.366   1.00 42.24  ? 10 GLU A CG  1 
ATOM   92  C  CD  . GLU A 1 10 ? -0.823  -12.643 7.508   1.00 38.63  ? 10 GLU A CD  1 
ATOM   93  O  OE1 . GLU A 1 10 ? -0.443  -12.083 6.462   1.00 52.80  ? 10 GLU A OE1 1 
ATOM   94  O  OE2 . GLU A 1 10 ? -0.477  -12.244 8.644   1.00 41.70  ? 10 GLU A OE2 1 
ATOM   95  N  N   . GLN A 1 11 ? -2.010  -16.692 11.015  1.00 52.04  ? 11 GLN A N   1 
ATOM   96  C  CA  . GLN A 1 11 ? -2.455  -17.130 12.333  1.00 50.97  ? 11 GLN A CA  1 
ATOM   97  C  C   . GLN A 1 11 ? -1.289  -17.515 13.225  1.00 49.71  ? 11 GLN A C   1 
ATOM   98  O  O   . GLN A 1 11 ? -1.297  -17.227 14.418  1.00 46.91  ? 11 GLN A O   1 
ATOM   99  C  CB  . GLN A 1 11 ? -3.417  -18.310 12.207  1.00 51.51  ? 11 GLN A CB  1 
ATOM   100 C  CG  . GLN A 1 11 ? -4.774  -17.924 11.650  1.00 53.75  ? 11 GLN A CG  1 
ATOM   101 C  CD  . GLN A 1 11 ? -5.607  -19.126 11.247  1.00 58.33  ? 11 GLN A CD  1 
ATOM   102 O  OE1 . GLN A 1 11 ? -5.168  -19.966 10.453  1.00 62.68  ? 11 GLN A OE1 1 
ATOM   103 N  NE2 . GLN A 1 11 ? -6.819  -19.211 11.785  1.00 63.52  ? 11 GLN A NE2 1 
ATOM   104 N  N   . GLN A 1 12 ? -0.287  -18.174 12.662  1.00 49.57  ? 12 GLN A N   1 
ATOM   105 C  CA  . GLN A 1 12 ? 0.854   -18.544 13.476  1.00 51.58  ? 12 GLN A CA  1 
ATOM   106 C  C   . GLN A 1 12 ? 1.649   -17.302 13.839  1.00 48.92  ? 12 GLN A C   1 
ATOM   107 O  O   . GLN A 1 12 ? 2.137   -17.178 14.962  1.00 49.57  ? 12 GLN A O   1 
ATOM   108 C  CB  . GLN A 1 12 ? 1.743   -19.550 12.749  1.00 53.88  ? 12 GLN A CB  1 
ATOM   109 C  CG  . GLN A 1 12 ? 1.167   -20.959 12.730  1.00 63.68  ? 12 GLN A CG  1 
ATOM   110 C  CD  . GLN A 1 12 ? 0.491   -21.337 14.049  1.00 75.65  ? 12 GLN A CD  1 
ATOM   111 O  OE1 . GLN A 1 12 ? -0.631  -20.910 14.330  1.00 80.65  ? 12 GLN A OE1 1 
ATOM   112 N  NE2 . GLN A 1 12 ? 1.179   -22.134 14.865  1.00 82.64  ? 12 GLN A NE2 1 
ATOM   113 N  N   . ALA A 1 13 ? 1.768   -16.381 12.887  1.00 47.32  ? 13 ALA A N   1 
ATOM   114 C  CA  . ALA A 1 13 ? 2.490   -15.131 13.103  1.00 42.13  ? 13 ALA A CA  1 
ATOM   115 C  C   . ALA A 1 13 ? 1.889   -14.382 14.284  1.00 43.47  ? 13 ALA A C   1 
ATOM   116 O  O   . ALA A 1 13 ? 2.617   -13.848 15.110  1.00 41.20  ? 13 ALA A O   1 
ATOM   117 C  CB  . ALA A 1 13 ? 2.430   -14.264 11.854  1.00 39.26  ? 13 ALA A CB  1 
ATOM   118 N  N   . MET A 1 14 ? 0.561   -14.333 14.372  1.00 44.24  ? 14 MET A N   1 
ATOM   119 C  CA  . MET A 1 14 ? -0.076  -13.644 15.482  1.00 49.60  ? 14 MET A CA  1 
ATOM   120 C  C   . MET A 1 14 ? 0.135   -14.384 16.798  1.00 52.88  ? 14 MET A C   1 
ATOM   121 O  O   . MET A 1 14 ? 0.320   -13.759 17.847  1.00 54.78  ? 14 MET A O   1 
ATOM   122 C  CB  . MET A 1 14 ? -1.567  -13.469 15.227  1.00 49.31  ? 14 MET A CB  1 
ATOM   123 C  CG  . MET A 1 14 ? -1.912  -12.187 14.488  1.00 58.66  ? 14 MET A CG  1 
ATOM   124 S  SD  . MET A 1 14 ? -3.684  -11.932 14.360  1.00 58.43  ? 14 MET A SD  1 
ATOM   125 C  CE  . MET A 1 14 ? -4.054  -11.292 16.015  1.00 63.15  ? 14 MET A CE  1 
ATOM   126 N  N   . LYS A 1 15 ? 0.107   -15.714 16.740  1.00 54.43  ? 15 LYS A N   1 
ATOM   127 C  CA  . LYS A 1 15 ? 0.307   -16.536 17.928  1.00 56.12  ? 15 LYS A CA  1 
ATOM   128 C  C   . LYS A 1 15 ? 1.701   -16.263 18.498  1.00 56.24  ? 15 LYS A C   1 
ATOM   129 O  O   . LYS A 1 15 ? 1.850   -15.944 19.685  1.00 54.95  ? 15 LYS A O   1 
ATOM   130 C  CB  . LYS A 1 15 ? 0.166   -18.029 17.590  1.00 55.49  ? 15 LYS A CB  1 
ATOM   131 C  CG  . LYS A 1 15 ? -1.238  -18.482 17.138  1.00 66.43  ? 15 LYS A CG  1 
ATOM   132 C  CD  . LYS A 1 15 ? -1.370  -20.029 17.152  1.00 69.55  ? 15 LYS A CD  1 
ATOM   133 C  CE  . LYS A 1 15 ? -2.775  -20.543 16.763  1.00 63.67  ? 15 LYS A CE  1 
ATOM   134 N  NZ  . LYS A 1 15 ? -2.996  -20.732 15.292  1.00 54.93  ? 15 LYS A NZ  1 
ATOM   135 N  N   . LEU A 1 16 ? 2.716   -16.372 17.641  1.00 57.75  ? 16 LEU A N   1 
ATOM   136 C  CA  . LEU A 1 16 ? 4.100   -16.157 18.048  1.00 56.85  ? 16 LEU A CA  1 
ATOM   137 C  C   . LEU A 1 16 ? 4.462   -14.694 18.238  1.00 57.15  ? 16 LEU A C   1 
ATOM   138 O  O   . LEU A 1 16 ? 5.471   -14.387 18.865  1.00 58.83  ? 16 LEU A O   1 
ATOM   139 C  CB  . LEU A 1 16 ? 5.056   -16.816 17.048  1.00 57.21  ? 16 LEU A CB  1 
ATOM   140 C  CG  . LEU A 1 16 ? 5.113   -18.352 17.082  1.00 57.46  ? 16 LEU A CG  1 
ATOM   141 C  CD1 . LEU A 1 16 ? 3.726   -18.955 16.879  1.00 69.28  ? 16 LEU A CD1 1 
ATOM   142 C  CD2 . LEU A 1 16 ? 6.056   -18.839 16.003  1.00 57.84  ? 16 LEU A CD2 1 
ATOM   143 N  N   . TYR A 1 17 ? 3.657   -13.791 17.687  1.00 58.76  ? 17 TYR A N   1 
ATOM   144 C  CA  . TYR A 1 17 ? 3.909   -12.367 17.879  1.00 59.68  ? 17 TYR A CA  1 
ATOM   145 C  C   . TYR A 1 17 ? 3.289   -12.004 19.221  1.00 59.72  ? 17 TYR A C   1 
ATOM   146 O  O   . TYR A 1 17 ? 3.703   -11.047 19.871  1.00 57.31  ? 17 TYR A O   1 
ATOM   147 C  CB  . TYR A 1 17 ? 3.281   -11.518 16.764  1.00 59.71  ? 17 TYR A CB  1 
ATOM   148 C  CG  . TYR A 1 17 ? 4.281   -11.058 15.720  1.00 58.56  ? 17 TYR A CG  1 
ATOM   149 C  CD1 . TYR A 1 17 ? 4.132   -11.405 14.374  1.00 55.93  ? 17 TYR A CD1 1 
ATOM   150 C  CD2 . TYR A 1 17 ? 5.402   -10.310 16.084  1.00 53.86  ? 17 TYR A CD2 1 
ATOM   151 C  CE1 . TYR A 1 17 ? 5.075   -11.026 13.418  1.00 55.68  ? 17 TYR A CE1 1 
ATOM   152 C  CE2 . TYR A 1 17 ? 6.356   -9.925  15.136  1.00 48.12  ? 17 TYR A CE2 1 
ATOM   153 C  CZ  . TYR A 1 17 ? 6.186   -10.291 13.806  1.00 55.72  ? 17 TYR A CZ  1 
ATOM   154 O  OH  . TYR A 1 17 ? 7.136   -9.946  12.872  1.00 49.42  ? 17 TYR A OH  1 
ATOM   155 N  N   . ARG A 1 18 ? 2.292   -12.782 19.631  1.00 60.64  ? 18 ARG A N   1 
ATOM   156 C  CA  . ARG A 1 18 ? 1.635   -12.559 20.911  1.00 63.30  ? 18 ARG A CA  1 
ATOM   157 C  C   . ARG A 1 18 ? 2.519   -13.054 22.057  1.00 63.63  ? 18 ARG A C   1 
ATOM   158 O  O   . ARG A 1 18 ? 2.760   -12.319 23.016  1.00 63.23  ? 18 ARG A O   1 
ATOM   159 C  CB  . ARG A 1 18 ? 0.270   -13.265 20.952  1.00 63.97  ? 18 ARG A CB  1 
ATOM   160 C  CG  . ARG A 1 18 ? -0.829  -12.505 20.233  1.00 62.04  ? 18 ARG A CG  1 
ATOM   161 C  CD  . ARG A 1 18 ? -2.142  -13.268 20.164  1.00 61.13  ? 18 ARG A CD  1 
ATOM   162 N  NE  . ARG A 1 18 ? -3.116  -12.522 19.374  1.00 62.39  ? 18 ARG A NE  1 
ATOM   163 C  CZ  . ARG A 1 18 ? -3.606  -11.329 19.719  1.00 67.25  ? 18 ARG A CZ  1 
ATOM   164 N  NH1 . ARG A 1 18 ? -3.223  -10.743 20.851  1.00 66.88  ? 18 ARG A NH1 1 
ATOM   165 N  NH2 . ARG A 1 18 ? -4.462  -10.706 18.918  1.00 64.60  ? 18 ARG A NH2 1 
ATOM   166 N  N   . GLU A 1 19 ? 3.006   -14.291 21.955  1.00 66.02  ? 19 GLU A N   1 
ATOM   167 C  CA  . GLU A 1 19 ? 3.869   -14.861 22.991  1.00 69.97  ? 19 GLU A CA  1 
ATOM   168 C  C   . GLU A 1 19 ? 5.154   -14.027 23.097  1.00 71.44  ? 19 GLU A C   1 
ATOM   169 O  O   . GLU A 1 19 ? 5.758   -13.923 24.167  1.00 71.13  ? 19 GLU A O   1 
ATOM   170 C  CB  . GLU A 1 19 ? 4.218   -16.335 22.673  1.00 71.03  ? 19 GLU A CB  1 
ATOM   171 C  CG  . GLU A 1 19 ? 3.015   -17.311 22.651  1.00 72.82  ? 19 GLU A CG  1 
ATOM   172 C  CD  . GLU A 1 19 ? 3.403   -18.787 22.438  1.00 78.47  ? 19 GLU A CD  1 
ATOM   173 O  OE1 . GLU A 1 19 ? 2.491   -19.632 22.294  1.00 75.89  ? 19 GLU A OE1 1 
ATOM   174 O  OE2 . GLU A 1 19 ? 4.610   -19.110 22.420  1.00 77.24  ? 19 GLU A OE2 1 
ATOM   175 N  N   . ALA A 1 20 ? 5.547   -13.415 21.983  1.00 72.44  ? 20 ALA A N   1 
ATOM   176 C  CA  . ALA A 1 20 ? 6.756   -12.597 21.923  1.00 73.43  ? 20 ALA A CA  1 
ATOM   177 C  C   . ALA A 1 20 ? 6.558   -11.193 22.476  1.00 74.67  ? 20 ALA A C   1 
ATOM   178 O  O   . ALA A 1 20 ? 7.472   -10.623 23.065  1.00 75.58  ? 20 ALA A O   1 
ATOM   179 C  CB  . ALA A 1 20 ? 7.255   -12.520 20.483  1.00 75.11  ? 20 ALA A CB  1 
ATOM   180 N  N   . SER A 1 21 ? 5.370   -10.632 22.276  1.00 76.67  ? 21 SER A N   1 
ATOM   181 C  CA  . SER A 1 21 ? 5.072   -9.290  22.771  1.00 77.19  ? 21 SER A CA  1 
ATOM   182 C  C   . SER A 1 21 ? 4.914   -9.300  24.281  1.00 79.94  ? 21 SER A C   1 
ATOM   183 O  O   . SER A 1 21 ? 5.358   -8.380  24.964  1.00 79.69  ? 21 SER A O   1 
ATOM   184 C  CB  . SER A 1 21 ? 3.789   -8.746  22.145  1.00 76.39  ? 21 SER A CB  1 
ATOM   185 O  OG  . SER A 1 21 ? 3.438   -7.514  22.751  1.00 68.32  ? 21 SER A OG  1 
ATOM   186 N  N   . GLU A 1 22 ? 4.258   -10.340 24.789  1.00 84.57  ? 22 GLU A N   1 
ATOM   187 C  CA  . GLU A 1 22 ? 4.053   -10.492 26.223  1.00 88.40  ? 22 GLU A CA  1 
ATOM   188 C  C   . GLU A 1 22 ? 5.421   -10.332 26.869  1.00 88.66  ? 22 GLU A C   1 
ATOM   189 O  O   . GLU A 1 22 ? 5.631   -9.452  27.703  1.00 89.01  ? 22 GLU A O   1 
ATOM   190 C  CB  . GLU A 1 22 ? 3.473   -11.890 26.537  1.00 90.93  ? 22 GLU A CB  1 
ATOM   191 C  CG  . GLU A 1 22 ? 3.317   -12.230 28.036  1.00 92.37  ? 22 GLU A CG  1 
ATOM   192 C  CD  . GLU A 1 22 ? 2.699   -13.608 28.284  1.00 97.38  ? 22 GLU A CD  1 
ATOM   193 O  OE1 . GLU A 1 22 ? 3.263   -14.626 27.819  1.00 97.73  ? 22 GLU A OE1 1 
ATOM   194 O  OE2 . GLU A 1 22 ? 1.645   -13.671 28.952  1.00 96.79  ? 22 GLU A OE2 1 
ATOM   195 N  N   . ARG A 1 23 ? 6.359   -11.167 26.434  1.00 87.35  ? 23 ARG A N   1 
ATOM   196 C  CA  . ARG A 1 23 ? 7.711   -11.160 26.966  1.00 87.01  ? 23 ARG A CA  1 
ATOM   197 C  C   . ARG A 1 23 ? 8.582   -9.977  26.522  1.00 86.91  ? 23 ARG A C   1 
ATOM   198 O  O   . ARG A 1 23 ? 8.638   -8.968  27.230  1.00 88.48  ? 23 ARG A O   1 
ATOM   199 C  CB  . ARG A 1 23 ? 8.366   -12.507 26.641  1.00 86.56  ? 23 ARG A CB  1 
ATOM   200 C  CG  . ARG A 1 23 ? 7.574   -13.670 27.249  1.00 90.56  ? 23 ARG A CG  1 
ATOM   201 C  CD  . ARG A 1 23 ? 8.016   -15.041 26.760  1.00 93.55  ? 23 ARG A CD  1 
ATOM   202 N  NE  . ARG A 1 23 ? 7.248   -16.120 27.386  1.00 94.29  ? 23 ARG A NE  1 
ATOM   203 C  CZ  . ARG A 1 23 ? 5.933   -16.290 27.258  1.00 95.06  ? 23 ARG A CZ  1 
ATOM   204 N  NH1 . ARG A 1 23 ? 5.213   -15.454 26.522  1.00 94.48  ? 23 ARG A NH1 1 
ATOM   205 N  NH2 . ARG A 1 23 ? 5.332   -17.299 27.872  1.00 99.05  ? 23 ARG A NH2 1 
ATOM   206 N  N   . VAL A 1 24 ? 9.248   -10.083 25.371  1.00 84.64  ? 24 VAL A N   1 
ATOM   207 C  CA  . VAL A 1 24 ? 10.119  -9.005  24.877  1.00 81.11  ? 24 VAL A CA  1 
ATOM   208 C  C   . VAL A 1 24 ? 9.641   -7.614  25.289  1.00 78.95  ? 24 VAL A C   1 
ATOM   209 O  O   . VAL A 1 24 ? 10.385  -6.848  25.903  1.00 79.46  ? 24 VAL A O   1 
ATOM   210 C  CB  . VAL A 1 24 ? 10.262  -9.042  23.336  1.00 81.47  ? 24 VAL A CB  1 
ATOM   211 C  CG1 . VAL A 1 24 ? 10.939  -7.775  22.847  1.00 80.21  ? 24 VAL A CG1 1 
ATOM   212 C  CG2 . VAL A 1 24 ? 11.083  -10.248 22.921  1.00 79.08  ? 24 VAL A CG2 1 
ATOM   213 N  N   . GLY A 1 25 ? 8.404   -7.285  24.944  1.00 78.09  ? 25 GLY A N   1 
ATOM   214 C  CA  . GLY A 1 25 ? 7.866   -5.991  25.319  1.00 77.44  ? 25 GLY A CA  1 
ATOM   215 C  C   . GLY A 1 25 ? 8.311   -4.814  24.472  1.00 77.00  ? 25 GLY A C   1 
ATOM   216 O  O   . GLY A 1 25 ? 8.476   -3.704  24.986  1.00 78.89  ? 25 GLY A O   1 
ATOM   217 N  N   . ASP A 1 26 ? 8.522   -5.047  23.181  1.00 74.63  ? 26 ASP A N   1 
ATOM   218 C  CA  . ASP A 1 26 ? 8.914   -3.972  22.277  1.00 70.95  ? 26 ASP A CA  1 
ATOM   219 C  C   . ASP A 1 26 ? 7.601   -3.519  21.644  1.00 67.11  ? 26 ASP A C   1 
ATOM   220 O  O   . ASP A 1 26 ? 6.964   -4.281  20.927  1.00 68.11  ? 26 ASP A O   1 
ATOM   221 C  CB  . ASP A 1 26 ? 9.871   -4.495  21.199  1.00 70.55  ? 26 ASP A CB  1 
ATOM   222 C  CG  . ASP A 1 26 ? 10.662  -3.381  20.527  1.00 70.93  ? 26 ASP A CG  1 
ATOM   223 O  OD1 . ASP A 1 26 ? 10.083  -2.297  20.296  1.00 68.29  ? 26 ASP A OD1 1 
ATOM   224 O  OD2 . ASP A 1 26 ? 11.857  -3.592  20.223  1.00 62.80  ? 26 ASP A OD2 1 
ATOM   225 N  N   . PRO A 1 27 ? 7.169   -2.280  21.920  1.00 63.94  ? 27 PRO A N   1 
ATOM   226 C  CA  . PRO A 1 27 ? 5.918   -1.744  21.372  1.00 62.39  ? 27 PRO A CA  1 
ATOM   227 C  C   . PRO A 1 27 ? 5.736   -1.957  19.875  1.00 59.56  ? 27 PRO A C   1 
ATOM   228 O  O   . PRO A 1 27 ? 4.613   -2.124  19.412  1.00 61.26  ? 27 PRO A O   1 
ATOM   229 C  CB  . PRO A 1 27 ? 5.982   -0.269  21.753  1.00 61.83  ? 27 PRO A CB  1 
ATOM   230 C  CG  . PRO A 1 27 ? 6.681   -0.316  23.062  1.00 61.27  ? 27 PRO A CG  1 
ATOM   231 C  CD  . PRO A 1 27 ? 7.818   -1.282  22.788  1.00 63.89  ? 27 PRO A CD  1 
ATOM   232 N  N   . VAL A 1 28 ? 6.834   -1.947  19.124  1.00 58.18  ? 28 VAL A N   1 
ATOM   233 C  CA  . VAL A 1 28 ? 6.766   -2.151  17.677  1.00 56.24  ? 28 VAL A CA  1 
ATOM   234 C  C   . VAL A 1 28 ? 6.250   -3.578  17.386  1.00 54.05  ? 28 VAL A C   1 
ATOM   235 O  O   . VAL A 1 28 ? 5.669   -3.845  16.331  1.00 53.92  ? 28 VAL A O   1 
ATOM   236 C  CB  . VAL A 1 28 ? 8.165   -1.920  17.002  1.00 54.75  ? 28 VAL A CB  1 
ATOM   237 C  CG1 . VAL A 1 28 ? 9.127   -3.037  17.375  1.00 52.26  ? 28 VAL A CG1 1 
ATOM   238 C  CG2 . VAL A 1 28 ? 8.013   -1.826  15.485  1.00 50.70  ? 28 VAL A CG2 1 
ATOM   239 N  N   . LEU A 1 29 ? 6.465   -4.480  18.340  1.00 50.09  ? 29 LEU A N   1 
ATOM   240 C  CA  . LEU A 1 29 ? 6.008   -5.858  18.235  1.00 50.35  ? 29 LEU A CA  1 
ATOM   241 C  C   . LEU A 1 29 ? 4.480   -5.846  18.228  1.00 50.04  ? 29 LEU A C   1 
ATOM   242 O  O   . LEU A 1 29 ? 3.837   -6.654  17.555  1.00 52.45  ? 29 LEU A O   1 
ATOM   243 C  CB  . LEU A 1 29 ? 6.515   -6.664  19.428  1.00 46.52  ? 29 LEU A CB  1 
ATOM   244 C  CG  . LEU A 1 29 ? 7.311   -7.934  19.132  1.00 47.60  ? 29 LEU A CG  1 
ATOM   245 C  CD1 . LEU A 1 29 ? 8.223   -7.729  17.934  1.00 29.90  ? 29 LEU A CD1 1 
ATOM   246 C  CD2 . LEU A 1 29 ? 8.121   -8.301  20.359  1.00 52.33  ? 29 LEU A CD2 1 
ATOM   247 N  N   . ALA A 1 30 ? 3.902   -4.922  18.983  1.00 47.77  ? 30 ALA A N   1 
ATOM   248 C  CA  . ALA A 1 30 ? 2.453   -4.800  19.031  1.00 47.39  ? 30 ALA A CA  1 
ATOM   249 C  C   . ALA A 1 30 ? 1.984   -4.140  17.744  1.00 47.74  ? 30 ALA A C   1 
ATOM   250 O  O   . ALA A 1 30 ? 0.876   -4.389  17.278  1.00 50.89  ? 30 ALA A O   1 
ATOM   251 C  CB  . ALA A 1 30 ? 2.030   -3.961  20.226  1.00 44.83  ? 30 ALA A CB  1 
ATOM   252 N  N   . LYS A 1 31 ? 2.831   -3.290  17.174  1.00 46.91  ? 31 LYS A N   1 
ATOM   253 C  CA  . LYS A 1 31 ? 2.499   -2.606  15.930  1.00 45.13  ? 31 LYS A CA  1 
ATOM   254 C  C   . LYS A 1 31 ? 2.451   -3.619  14.788  1.00 44.58  ? 31 LYS A C   1 
ATOM   255 O  O   . LYS A 1 31 ? 1.560   -3.574  13.948  1.00 41.42  ? 31 LYS A O   1 
ATOM   256 C  CB  . LYS A 1 31 ? 3.544   -1.533  15.620  1.00 47.45  ? 31 LYS A CB  1 
ATOM   257 C  CG  . LYS A 1 31 ? 3.149   -0.634  14.458  1.00 47.84  ? 31 LYS A CG  1 
ATOM   258 C  CD  . LYS A 1 31 ? 4.290   0.247   14.008  1.00 45.80  ? 31 LYS A CD  1 
ATOM   259 C  CE  . LYS A 1 31 ? 3.905   1.076   12.796  1.00 47.76  ? 31 LYS A CE  1 
ATOM   260 N  NZ  . LYS A 1 31 ? 2.863   2.094   13.098  1.00 47.38  ? 31 LYS A NZ  1 
ATOM   261 N  N   . ILE A 1 32 ? 3.416   -4.534  14.758  1.00 42.82  ? 32 ILE A N   1 
ATOM   262 C  CA  . ILE A 1 32 ? 3.450   -5.550  13.714  1.00 46.12  ? 32 ILE A CA  1 
ATOM   263 C  C   . ILE A 1 32 ? 2.213   -6.438  13.829  1.00 49.27  ? 32 ILE A C   1 
ATOM   264 O  O   . ILE A 1 32 ? 1.725   -6.976  12.833  1.00 49.64  ? 32 ILE A O   1 
ATOM   265 C  CB  . ILE A 1 32 ? 4.696   -6.448  13.838  1.00 47.02  ? 32 ILE A CB  1 
ATOM   266 C  CG1 . ILE A 1 32 ? 5.964   -5.588  13.778  1.00 45.78  ? 32 ILE A CG1 1 
ATOM   267 C  CG2 . ILE A 1 32 ? 4.683   -7.513  12.732  1.00 39.96  ? 32 ILE A CG2 1 
ATOM   268 C  CD1 . ILE A 1 32 ? 7.234   -6.366  14.007  1.00 38.74  ? 32 ILE A CD1 1 
ATOM   269 N  N   . LEU A 1 33 ? 1.707   -6.577  15.052  1.00 51.92  ? 33 LEU A N   1 
ATOM   270 C  CA  . LEU A 1 33 ? 0.546   -7.411  15.308  1.00 49.41  ? 33 LEU A CA  1 
ATOM   271 C  C   . LEU A 1 33 ? -0.763  -6.779  14.843  1.00 50.24  ? 33 LEU A C   1 
ATOM   272 O  O   . LEU A 1 33 ? -1.655  -7.485  14.386  1.00 50.74  ? 33 LEU A O   1 
ATOM   273 C  CB  . LEU A 1 33 ? 0.472   -7.757  16.795  1.00 49.97  ? 33 LEU A CB  1 
ATOM   274 C  CG  . LEU A 1 33 ? -0.150  -9.105  17.168  1.00 50.69  ? 33 LEU A CG  1 
ATOM   275 C  CD1 . LEU A 1 33 ? -0.086  -9.274  18.660  1.00 52.60  ? 33 LEU A CD1 1 
ATOM   276 C  CD2 . LEU A 1 33 ? -1.583  -9.181  16.698  1.00 57.06  ? 33 LEU A CD2 1 
ATOM   277 N  N   . GLU A 1 34 ? -0.902  -5.464  14.959  1.00 52.89  ? 34 GLU A N   1 
ATOM   278 C  CA  . GLU A 1 34 ? -2.138  -4.827  14.506  1.00 55.06  ? 34 GLU A CA  1 
ATOM   279 C  C   . GLU A 1 34 ? -2.214  -5.014  12.985  1.00 55.58  ? 34 GLU A C   1 
ATOM   280 O  O   . GLU A 1 34 ? -3.299  -5.071  12.398  1.00 57.39  ? 34 GLU A O   1 
ATOM   281 C  CB  . GLU A 1 34 ? -2.155  -3.328  14.872  1.00 56.18  ? 34 GLU A CB  1 
ATOM   282 C  CG  . GLU A 1 34 ? -3.558  -2.681  14.831  1.00 68.43  ? 34 GLU A CG  1 
ATOM   283 C  CD  . GLU A 1 34 ? -3.613  -1.244  15.392  1.00 86.69  ? 34 GLU A CD  1 
ATOM   284 O  OE1 . GLU A 1 34 ? -4.736  -0.719  15.592  1.00 91.79  ? 34 GLU A OE1 1 
ATOM   285 O  OE2 . GLU A 1 34 ? -2.546  -0.635  15.628  1.00 95.76  ? 34 GLU A OE2 1 
ATOM   286 N  N   . ASP A 1 35 ? -1.050  -5.130  12.354  1.00 54.27  ? 35 ASP A N   1 
ATOM   287 C  CA  . ASP A 1 35 ? -0.965  -5.318  10.908  1.00 52.69  ? 35 ASP A CA  1 
ATOM   288 C  C   . ASP A 1 35 ? -1.417  -6.709  10.482  1.00 50.45  ? 35 ASP A C   1 
ATOM   289 O  O   . ASP A 1 35 ? -2.341  -6.847  9.673   1.00 46.76  ? 35 ASP A O   1 
ATOM   290 C  CB  . ASP A 1 35 ? 0.467   -5.095  10.439  1.00 54.90  ? 35 ASP A CB  1 
ATOM   291 C  CG  . ASP A 1 35 ? 0.841   -3.637  10.388  1.00 57.54  ? 35 ASP A CG  1 
ATOM   292 O  OD1 . ASP A 1 35 ? 0.349   -2.856  11.234  1.00 66.03  ? 35 ASP A OD1 1 
ATOM   293 O  OD2 . ASP A 1 35 ? 1.647   -3.280  9.503   1.00 60.39  ? 35 ASP A OD2 1 
ATOM   294 N  N   . GLU A 1 36 ? -0.756  -7.733  11.023  1.00 50.23  ? 36 GLU A N   1 
ATOM   295 C  CA  . GLU A 1 36 ? -1.090  -9.119  10.704  1.00 48.47  ? 36 GLU A CA  1 
ATOM   296 C  C   . GLU A 1 36 ? -2.610  -9.294  10.772  1.00 48.76  ? 36 GLU A C   1 
ATOM   297 O  O   . GLU A 1 36 ? -3.198  -10.052 9.990   1.00 45.21  ? 36 GLU A O   1 
ATOM   298 C  CB  . GLU A 1 36 ? -0.398  -10.078 11.687  1.00 45.79  ? 36 GLU A CB  1 
ATOM   299 C  CG  . GLU A 1 36 ? 1.104   -9.839  11.878  1.00 39.86  ? 36 GLU A CG  1 
ATOM   300 C  CD  . GLU A 1 36 ? 1.933   -10.025 10.611  1.00 41.52  ? 36 GLU A CD  1 
ATOM   301 O  OE1 . GLU A 1 36 ? 1.550   -9.499  9.558   1.00 35.22  ? 36 GLU A OE1 1 
ATOM   302 O  OE2 . GLU A 1 36 ? 2.985   -10.688 10.670  1.00 44.82  ? 36 GLU A OE2 1 
ATOM   303 N  N   . GLU A 1 37 ? -3.235  -8.568  11.700  1.00 52.36  ? 37 GLU A N   1 
ATOM   304 C  CA  . GLU A 1 37 ? -4.682  -8.600  11.886  1.00 54.29  ? 37 GLU A CA  1 
ATOM   305 C  C   . GLU A 1 37 ? -5.396  -8.110  10.622  1.00 53.32  ? 37 GLU A C   1 
ATOM   306 O  O   . GLU A 1 37 ? -6.318  -8.762  10.128  1.00 53.30  ? 37 GLU A O   1 
ATOM   307 C  CB  . GLU A 1 37 ? -5.074  -7.734  13.094  1.00 55.69  ? 37 GLU A CB  1 
ATOM   308 C  CG  . GLU A 1 37 ? -4.569  -8.281  14.443  1.00 67.92  ? 37 GLU A CG  1 
ATOM   309 C  CD  . GLU A 1 37 ? -4.851  -7.363  15.646  1.00 70.32  ? 37 GLU A CD  1 
ATOM   310 O  OE1 . GLU A 1 37 ? -4.572  -7.785  16.793  1.00 66.02  ? 37 GLU A OE1 1 
ATOM   311 O  OE2 . GLU A 1 37 ? -5.340  -6.226  15.451  1.00 78.87  ? 37 GLU A OE2 1 
ATOM   312 N  N   . LYS A 1 38 ? -4.961  -6.969  10.093  1.00 50.34  ? 38 LYS A N   1 
ATOM   313 C  CA  . LYS A 1 38 ? -5.567  -6.414  8.883   1.00 49.55  ? 38 LYS A CA  1 
ATOM   314 C  C   . LYS A 1 38 ? -5.270  -7.262  7.651   1.00 47.03  ? 38 LYS A C   1 
ATOM   315 O  O   . LYS A 1 38 ? -6.066  -7.296  6.708   1.00 46.99  ? 38 LYS A O   1 
ATOM   316 C  CB  . LYS A 1 38 ? -5.096  -4.970  8.652   1.00 51.65  ? 38 LYS A CB  1 
ATOM   317 C  CG  . LYS A 1 38 ? -5.654  -3.986  9.664   1.00 46.01  ? 38 LYS A CG  1 
ATOM   318 C  CD  . LYS A 1 38 ? -5.192  -2.564  9.410   1.00 51.99  ? 38 LYS A CD  1 
ATOM   319 C  CE  . LYS A 1 38 ? -5.728  -1.656  10.506  1.00 53.43  ? 38 LYS A CE  1 
ATOM   320 N  NZ  . LYS A 1 38 ? -5.417  -0.219  10.291  1.00 55.26  ? 38 LYS A NZ  1 
ATOM   321 N  N   . HIS A 1 39 ? -4.121  -7.938  7.661   1.00 44.25  ? 39 HIS A N   1 
ATOM   322 C  CA  . HIS A 1 39 ? -3.738  -8.814  6.555   1.00 42.36  ? 39 HIS A CA  1 
ATOM   323 C  C   . HIS A 1 39 ? -4.763  -9.947  6.467   1.00 42.47  ? 39 HIS A C   1 
ATOM   324 O  O   . HIS A 1 39 ? -5.149  -10.365 5.374   1.00 45.29  ? 39 HIS A O   1 
ATOM   325 C  CB  . HIS A 1 39 ? -2.331  -9.370  6.784   1.00 35.96  ? 39 HIS A CB  1 
ATOM   326 C  CG  . HIS A 1 39 ? -1.245  -8.349  6.621   1.00 34.43  ? 39 HIS A CG  1 
ATOM   327 N  ND1 . HIS A 1 39 ? 0.058   -8.577  7.006   1.00 32.25  ? 39 HIS A ND1 1 
ATOM   328 C  CD2 . HIS A 1 39 ? -1.271  -7.093  6.113   1.00 24.70  ? 39 HIS A CD2 1 
ATOM   329 C  CE1 . HIS A 1 39 ? 0.788   -7.507  6.747   1.00 33.54  ? 39 HIS A CE1 1 
ATOM   330 N  NE2 . HIS A 1 39 ? 0.005   -6.592  6.203   1.00 38.38  ? 39 HIS A NE2 1 
ATOM   331 N  N   . ILE A 1 40 ? -5.200  -10.420 7.634   1.00 40.49  ? 40 ILE A N   1 
ATOM   332 C  CA  . ILE A 1 40 ? -6.204  -11.472 7.742   1.00 40.60  ? 40 ILE A CA  1 
ATOM   333 C  C   . ILE A 1 40 ? -7.497  -10.993 7.082   1.00 42.36  ? 40 ILE A C   1 
ATOM   334 O  O   . ILE A 1 40 ? -8.109  -11.709 6.298   1.00 38.94  ? 40 ILE A O   1 
ATOM   335 C  CB  . ILE A 1 40 ? -6.544  -11.774 9.211   1.00 41.66  ? 40 ILE A CB  1 
ATOM   336 C  CG1 . ILE A 1 40 ? -5.272  -12.118 9.996   1.00 42.51  ? 40 ILE A CG1 1 
ATOM   337 C  CG2 . ILE A 1 40 ? -7.574  -12.889 9.279   1.00 41.05  ? 40 ILE A CG2 1 
ATOM   338 C  CD1 . ILE A 1 40 ? -4.799  -13.546 9.851   1.00 37.79  ? 40 ILE A CD1 1 
ATOM   339 N  N   . GLU A 1 41 ? -7.917  -9.776  7.421   1.00 42.81  ? 41 GLU A N   1 
ATOM   340 C  CA  . GLU A 1 41 ? -9.137  -9.206  6.863   1.00 43.24  ? 41 GLU A CA  1 
ATOM   341 C  C   . GLU A 1 41 ? -9.027  -9.056  5.356   1.00 43.74  ? 41 GLU A C   1 
ATOM   342 O  O   . GLU A 1 41 ? -9.920  -9.461  4.622   1.00 41.87  ? 41 GLU A O   1 
ATOM   343 C  CB  . GLU A 1 41 ? -9.417  -7.840  7.474   1.00 45.22  ? 41 GLU A CB  1 
ATOM   344 C  CG  . GLU A 1 41 ? -9.753  -7.855  8.946   1.00 45.75  ? 41 GLU A CG  1 
ATOM   345 C  CD  . GLU A 1 41 ? -9.700  -6.468  9.527   1.00 46.22  ? 41 GLU A CD  1 
ATOM   346 O  OE1 . GLU A 1 41 ? -9.918  -6.312  10.744  1.00 52.86  ? 41 GLU A OE1 1 
ATOM   347 O  OE2 . GLU A 1 41 ? -9.433  -5.526  8.751   1.00 40.85  ? 41 GLU A OE2 1 
ATOM   348 N  N   . TRP A 1 42 ? -7.939  -8.467  4.887   1.00 44.44  ? 42 TRP A N   1 
ATOM   349 C  CA  . TRP A 1 42 ? -7.780  -8.312  3.457   1.00 44.32  ? 42 TRP A CA  1 
ATOM   350 C  C   . TRP A 1 42 ? -7.717  -9.678  2.784   1.00 46.19  ? 42 TRP A C   1 
ATOM   351 O  O   . TRP A 1 42 ? -8.251  -9.857  1.698   1.00 43.47  ? 42 TRP A O   1 
ATOM   352 C  CB  . TRP A 1 42 ? -6.545  -7.472  3.155   1.00 43.45  ? 42 TRP A CB  1 
ATOM   353 C  CG  . TRP A 1 42 ? -6.678  -6.108  3.747   1.00 40.09  ? 42 TRP A CG  1 
ATOM   354 C  CD1 . TRP A 1 42 ? -7.846  -5.438  4.010   1.00 43.12  ? 42 TRP A CD1 1 
ATOM   355 C  CD2 . TRP A 1 42 ? -5.621  -5.246  4.164   1.00 30.91  ? 42 TRP A CD2 1 
ATOM   356 N  NE1 . TRP A 1 42 ? -7.577  -4.215  4.567   1.00 39.67  ? 42 TRP A NE1 1 
ATOM   357 C  CE2 . TRP A 1 42 ? -6.218  -4.070  4.674   1.00 36.77  ? 42 TRP A CE2 1 
ATOM   358 C  CE3 . TRP A 1 42 ? -4.229  -5.347  4.155   1.00 24.34  ? 42 TRP A CE3 1 
ATOM   359 C  CZ2 . TRP A 1 42 ? -5.468  -3.008  5.175   1.00 40.61  ? 42 TRP A CZ2 1 
ATOM   360 C  CZ3 . TRP A 1 42 ? -3.484  -4.286  4.655   1.00 29.89  ? 42 TRP A CZ3 1 
ATOM   361 C  CH2 . TRP A 1 42 ? -4.105  -3.137  5.156   1.00 29.93  ? 42 TRP A CH2 1 
ATOM   362 N  N   . LEU A 1 43 ? -7.074  -10.643 3.431   1.00 50.56  ? 43 LEU A N   1 
ATOM   363 C  CA  . LEU A 1 43 ? -7.006  -11.988 2.879   1.00 52.70  ? 43 LEU A CA  1 
ATOM   364 C  C   . LEU A 1 43 ? -8.440  -12.479 2.702   1.00 57.54  ? 43 LEU A C   1 
ATOM   365 O  O   . LEU A 1 43 ? -8.755  -13.180 1.749   1.00 59.15  ? 43 LEU A O   1 
ATOM   366 C  CB  . LEU A 1 43 ? -6.269  -12.929 3.837   1.00 50.63  ? 43 LEU A CB  1 
ATOM   367 C  CG  . LEU A 1 43 ? -4.740  -12.984 3.824   1.00 50.43  ? 43 LEU A CG  1 
ATOM   368 C  CD1 . LEU A 1 43 ? -4.257  -14.032 4.818   1.00 42.12  ? 43 LEU A CD1 1 
ATOM   369 C  CD2 . LEU A 1 43 ? -4.253  -13.333 2.429   1.00 42.09  ? 43 LEU A CD2 1 
ATOM   370 N  N   . GLU A 1 44 ? -9.302  -12.078 3.632   1.00 61.67  ? 44 GLU A N   1 
ATOM   371 C  CA  . GLU A 1 44 ? -10.707 -12.471 3.654   1.00 65.56  ? 44 GLU A CA  1 
ATOM   372 C  C   . GLU A 1 44 ? -11.556 -11.918 2.511   1.00 69.62  ? 44 GLU A C   1 
ATOM   373 O  O   . GLU A 1 44 ? -12.778 -12.000 2.557   1.00 69.67  ? 44 GLU A O   1 
ATOM   374 C  CB  . GLU A 1 44 ? -11.338 -12.035 4.980   1.00 67.13  ? 44 GLU A CB  1 
ATOM   375 C  CG  . GLU A 1 44 ? -12.146 -13.111 5.683   1.00 71.48  ? 44 GLU A CG  1 
ATOM   376 C  CD  . GLU A 1 44 ? -11.307 -13.940 6.641   1.00 83.03  ? 44 GLU A CD  1 
ATOM   377 O  OE1 . GLU A 1 44 ? -10.996 -13.445 7.751   1.00 87.69  ? 44 GLU A OE1 1 
ATOM   378 O  OE2 . GLU A 1 44 ? -10.953 -15.083 6.278   1.00 87.46  ? 44 GLU A OE2 1 
ATOM   379 N  N   . THR A 1 45 ? -10.927 -11.364 1.483   1.00 74.76  ? 45 THR A N   1 
ATOM   380 C  CA  . THR A 1 45 ? -11.683 -10.795 0.373   1.00 78.98  ? 45 THR A CA  1 
ATOM   381 C  C   . THR A 1 45 ? -11.243 -11.340 -0.979  1.00 83.80  ? 45 THR A C   1 
ATOM   382 O  O   . THR A 1 45 ? -11.403 -10.682 -2.007  1.00 83.38  ? 45 THR A O   1 
ATOM   383 C  CB  . THR A 1 45 ? -11.540 -9.265  0.347   1.00 79.07  ? 45 THR A CB  1 
ATOM   384 O  OG1 . THR A 1 45 ? -11.609 -8.759  1.687   1.00 75.77  ? 45 THR A OG1 1 
ATOM   385 C  CG2 . THR A 1 45 ? -12.658 -8.638  -0.488  1.00 80.39  ? 45 THR A CG2 1 
ATOM   386 N  N   . ILE A 1 46 ? -10.685 -12.541 -0.980  1.00 90.22  ? 46 ILE A N   1 
ATOM   387 C  CA  . ILE A 1 46 ? -10.230 -13.148 -2.219  1.00 96.67  ? 46 ILE A CA  1 
ATOM   388 C  C   . ILE A 1 46 ? -11.077 -14.382 -2.532  1.00 100.66 ? 46 ILE A C   1 
ATOM   389 O  O   . ILE A 1 46 ? -11.838 -14.824 -1.640  1.00 101.50 ? 46 ILE A O   1 
ATOM   390 C  CB  . ILE A 1 46 ? -8.736  -13.548 -2.119  1.00 96.49  ? 46 ILE A CB  1 
ATOM   391 C  CG1 . ILE A 1 46 ? -7.912  -12.348 -1.631  1.00 97.28  ? 46 ILE A CG1 1 
ATOM   392 C  CG2 . ILE A 1 46 ? -8.219  -14.016 -3.481  1.00 98.46  ? 46 ILE A CG2 1 
ATOM   393 C  CD1 . ILE A 1 46 ? -6.435  -12.636 -1.444  1.00 101.90 ? 46 ILE A CD1 1 
ATOM   394 O  OXT . ILE A 1 46 ? -10.974 -14.895 -3.669  1.00 62.02  ? 46 ILE A OXT 1 
ATOM   395 N  N   . ASP B 1 1  ? -9.984  -0.324  -23.147 1.00 89.12  ? 1  ASP B N   1 
ATOM   396 C  CA  . ASP B 1 1  ? -9.189  0.016   -24.364 1.00 90.21  ? 1  ASP B CA  1 
ATOM   397 C  C   . ASP B 1 1  ? -7.824  0.569   -23.955 1.00 92.92  ? 1  ASP B C   1 
ATOM   398 O  O   . ASP B 1 1  ? -7.155  0.026   -23.071 1.00 92.99  ? 1  ASP B O   1 
ATOM   399 C  CB  . ASP B 1 1  ? -9.936  1.060   -25.206 1.00 89.14  ? 1  ASP B CB  1 
ATOM   400 C  CG  . ASP B 1 1  ? -11.267 1.465   -24.593 1.00 87.25  ? 1  ASP B CG  1 
ATOM   401 O  OD1 . ASP B 1 1  ? -11.269 1.969   -23.449 1.00 79.59  ? 1  ASP B OD1 1 
ATOM   402 O  OD2 . ASP B 1 1  ? -12.311 1.281   -25.257 1.00 90.25  ? 1  ASP B OD2 1 
ATOM   403 N  N   . TYR B 1 2  ? -7.411  1.647   -24.613 1.00 94.36  ? 2  TYR B N   1 
ATOM   404 C  CA  . TYR B 1 2  ? -6.144  2.276   -24.290 1.00 94.40  ? 2  TYR B CA  1 
ATOM   405 C  C   . TYR B 1 2  ? -6.365  3.304   -23.193 1.00 92.98  ? 2  TYR B C   1 
ATOM   406 O  O   . TYR B 1 2  ? -5.422  3.717   -22.518 1.00 92.25  ? 2  TYR B O   1 
ATOM   407 C  CB  . TYR B 1 2  ? -5.532  2.923   -25.534 1.00 96.10  ? 2  TYR B CB  1 
ATOM   408 C  CG  . TYR B 1 2  ? -4.831  1.915   -26.411 1.00 105.08 ? 2  TYR B CG  1 
ATOM   409 C  CD1 . TYR B 1 2  ? -3.763  1.166   -25.914 1.00 109.35 ? 2  TYR B CD1 1 
ATOM   410 C  CD2 . TYR B 1 2  ? -5.267  1.659   -27.711 1.00 110.82 ? 2  TYR B CD2 1 
ATOM   411 C  CE1 . TYR B 1 2  ? -3.150  0.184   -26.683 1.00 109.89 ? 2  TYR B CE1 1 
ATOM   412 C  CE2 . TYR B 1 2  ? -4.659  0.675   -28.493 1.00 114.26 ? 2  TYR B CE2 1 
ATOM   413 C  CZ  . TYR B 1 2  ? -3.602  -0.059  -27.969 1.00 112.62 ? 2  TYR B CZ  1 
ATOM   414 O  OH  . TYR B 1 2  ? -3.012  -1.052  -28.715 1.00 110.28 ? 2  TYR B OH  1 
ATOM   415 N  N   . LEU B 1 3  ? -7.618  3.714   -23.014 1.00 89.25  ? 3  LEU B N   1 
ATOM   416 C  CA  . LEU B 1 3  ? -7.943  4.671   -21.968 1.00 87.25  ? 3  LEU B CA  1 
ATOM   417 C  C   . LEU B 1 3  ? -7.528  4.007   -20.671 1.00 83.49  ? 3  LEU B C   1 
ATOM   418 O  O   . LEU B 1 3  ? -6.967  4.646   -19.782 1.00 82.04  ? 3  LEU B O   1 
ATOM   419 C  CB  . LEU B 1 3  ? -9.446  4.961   -21.926 1.00 87.46  ? 3  LEU B CB  1 
ATOM   420 C  CG  . LEU B 1 3  ? -9.941  6.331   -22.401 1.00 90.78  ? 3  LEU B CG  1 
ATOM   421 C  CD1 . LEU B 1 3  ? -11.433 6.444   -22.106 1.00 93.03  ? 3  LEU B CD1 1 
ATOM   422 C  CD2 . LEU B 1 3  ? -9.180  7.450   -21.697 1.00 88.09  ? 3  LEU B CD2 1 
ATOM   423 N  N   . ARG B 1 4  ? -7.803  2.709   -20.586 1.00 78.75  ? 4  ARG B N   1 
ATOM   424 C  CA  . ARG B 1 4  ? -7.478  1.916   -19.408 1.00 73.85  ? 4  ARG B CA  1 
ATOM   425 C  C   . ARG B 1 4  ? -5.991  1.948   -19.046 1.00 68.09  ? 4  ARG B C   1 
ATOM   426 O  O   . ARG B 1 4  ? -5.634  2.169   -17.888 1.00 64.89  ? 4  ARG B O   1 
ATOM   427 C  CB  . ARG B 1 4  ? -7.944  0.473   -19.609 1.00 74.25  ? 4  ARG B CB  1 
ATOM   428 C  CG  . ARG B 1 4  ? -9.387  0.205   -19.171 1.00 84.07  ? 4  ARG B CG  1 
ATOM   429 C  CD  . ARG B 1 4  ? -10.424 0.226   -20.315 1.00 101.49 ? 4  ARG B CD  1 
ATOM   430 N  NE  . ARG B 1 4  ? -11.055 1.530   -20.526 1.00 104.69 ? 4  ARG B NE  1 
ATOM   431 C  CZ  . ARG B 1 4  ? -12.244 1.699   -21.096 1.00 111.15 ? 4  ARG B CZ  1 
ATOM   432 N  NH1 . ARG B 1 4  ? -12.937 0.650   -21.511 1.00 113.48 ? 4  ARG B NH1 1 
ATOM   433 N  NH2 . ARG B 1 4  ? -12.735 2.918   -21.266 1.00 114.26 ? 4  ARG B NH2 1 
ATOM   434 N  N   . GLU B 1 5  ? -5.123  1.724   -20.029 1.00 62.48  ? 5  GLU B N   1 
ATOM   435 C  CA  . GLU B 1 5  ? -3.689  1.752   -19.772 1.00 59.82  ? 5  GLU B CA  1 
ATOM   436 C  C   . GLU B 1 5  ? -3.247  3.186   -19.427 1.00 55.11  ? 5  GLU B C   1 
ATOM   437 O  O   . GLU B 1 5  ? -2.319  3.397   -18.647 1.00 55.39  ? 5  GLU B O   1 
ATOM   438 C  CB  . GLU B 1 5  ? -2.922  1.224   -20.996 1.00 62.57  ? 5  GLU B CB  1 
ATOM   439 C  CG  . GLU B 1 5  ? -3.157  -0.266  -21.317 1.00 68.33  ? 5  GLU B CG  1 
ATOM   440 C  CD  . GLU B 1 5  ? -2.509  -1.222  -20.312 1.00 83.25  ? 5  GLU B CD  1 
ATOM   441 O  OE1 . GLU B 1 5  ? -1.281  -1.126  -20.100 1.00 92.70  ? 5  GLU B OE1 1 
ATOM   442 O  OE2 . GLU B 1 5  ? -3.221  -2.080  -19.739 1.00 85.99  ? 5  GLU B OE2 1 
ATOM   443 N  N   . LEU B 1 6  ? -3.936  4.168   -19.999 1.00 51.58  ? 6  LEU B N   1 
ATOM   444 C  CA  . LEU B 1 6  ? -3.633  5.574   -19.749 1.00 49.29  ? 6  LEU B CA  1 
ATOM   445 C  C   . LEU B 1 6  ? -3.901  5.969   -18.304 1.00 49.91  ? 6  LEU B C   1 
ATOM   446 O  O   . LEU B 1 6  ? -3.090  6.659   -17.689 1.00 51.88  ? 6  LEU B O   1 
ATOM   447 C  CB  . LEU B 1 6  ? -4.440  6.469   -20.699 1.00 49.56  ? 6  LEU B CB  1 
ATOM   448 C  CG  . LEU B 1 6  ? -3.711  7.057   -21.920 1.00 50.77  ? 6  LEU B CG  1 
ATOM   449 C  CD1 . LEU B 1 6  ? -2.747  6.063   -22.515 1.00 44.06  ? 6  LEU B CD1 1 
ATOM   450 C  CD2 . LEU B 1 6  ? -4.732  7.488   -22.956 1.00 45.24  ? 6  LEU B CD2 1 
ATOM   451 N  N   . TYR B 1 7  ? -5.033  5.544   -17.751 1.00 48.15  ? 7  TYR B N   1 
ATOM   452 C  CA  . TYR B 1 7  ? -5.331  5.877   -16.362 1.00 48.83  ? 7  TYR B CA  1 
ATOM   453 C  C   . TYR B 1 7  ? -4.303  5.197   -15.468 1.00 50.24  ? 7  TYR B C   1 
ATOM   454 O  O   . TYR B 1 7  ? -3.875  5.760   -14.462 1.00 53.25  ? 7  TYR B O   1 
ATOM   455 C  CB  . TYR B 1 7  ? -6.724  5.398   -15.938 1.00 48.89  ? 7  TYR B CB  1 
ATOM   456 C  CG  . TYR B 1 7  ? -7.909  6.282   -16.315 1.00 51.12  ? 7  TYR B CG  1 
ATOM   457 C  CD1 . TYR B 1 7  ? -8.500  6.200   -17.577 1.00 55.38  ? 7  TYR B CD1 1 
ATOM   458 C  CD2 . TYR B 1 7  ? -8.522  7.103   -15.361 1.00 51.06  ? 7  TYR B CD2 1 
ATOM   459 C  CE1 . TYR B 1 7  ? -9.681  6.894   -17.880 1.00 56.41  ? 7  TYR B CE1 1 
ATOM   460 C  CE2 . TYR B 1 7  ? -9.703  7.802   -15.652 1.00 55.07  ? 7  TYR B CE2 1 
ATOM   461 C  CZ  . TYR B 1 7  ? -10.279 7.685   -16.913 1.00 57.83  ? 7  TYR B CZ  1 
ATOM   462 O  OH  . TYR B 1 7  ? -11.472 8.315   -17.198 1.00 60.01  ? 7  TYR B OH  1 
ATOM   463 N  N   . LYS B 1 8  ? -3.919  3.979   -15.835 1.00 51.02  ? 8  LYS B N   1 
ATOM   464 C  CA  . LYS B 1 8  ? -2.945  3.233   -15.055 1.00 49.53  ? 8  LYS B CA  1 
ATOM   465 C  C   . LYS B 1 8  ? -1.645  4.009   -14.984 1.00 48.43  ? 8  LYS B C   1 
ATOM   466 O  O   . LYS B 1 8  ? -1.128  4.282   -13.908 1.00 44.53  ? 8  LYS B O   1 
ATOM   467 C  CB  . LYS B 1 8  ? -2.674  1.866   -15.683 1.00 50.65  ? 8  LYS B CB  1 
ATOM   468 C  CG  . LYS B 1 8  ? -1.579  1.093   -14.947 1.00 59.18  ? 8  LYS B CG  1 
ATOM   469 C  CD  . LYS B 1 8  ? -1.043  -0.103  -15.730 1.00 63.96  ? 8  LYS B CD  1 
ATOM   470 C  CE  . LYS B 1 8  ? 0.168   -0.723  -15.025 1.00 72.09  ? 8  LYS B CE  1 
ATOM   471 N  NZ  . LYS B 1 8  ? 0.764   -1.871  -15.771 1.00 69.11  ? 8  LYS B NZ  1 
ATOM   472 N  N   . LEU B 1 9  ? -1.120  4.370   -16.146 1.00 46.82  ? 9  LEU B N   1 
ATOM   473 C  CA  . LEU B 1 9  ? 0.132   5.101   -16.192 1.00 47.80  ? 9  LEU B CA  1 
ATOM   474 C  C   . LEU B 1 9  ? 0.041   6.397   -15.401 1.00 47.87  ? 9  LEU B C   1 
ATOM   475 O  O   . LEU B 1 9  ? 0.920   6.701   -14.597 1.00 45.79  ? 9  LEU B O   1 
ATOM   476 C  CB  . LEU B 1 9  ? 0.525   5.394   -17.638 1.00 48.93  ? 9  LEU B CB  1 
ATOM   477 C  CG  . LEU B 1 9  ? 2.036   5.537   -17.869 1.00 60.44  ? 9  LEU B CG  1 
ATOM   478 C  CD1 . LEU B 1 9  ? 2.318   5.718   -19.359 1.00 67.34  ? 9  LEU B CD1 1 
ATOM   479 C  CD2 . LEU B 1 9  ? 2.578   6.717   -17.073 1.00 65.73  ? 9  LEU B CD2 1 
ATOM   480 N  N   . GLU B 1 10 ? -1.013  7.168   -15.635 1.00 48.35  ? 10 GLU B N   1 
ATOM   481 C  CA  . GLU B 1 10 ? -1.194  8.423   -14.913 1.00 48.38  ? 10 GLU B CA  1 
ATOM   482 C  C   . GLU B 1 10 ? -1.248  8.110   -13.420 1.00 50.07  ? 10 GLU B C   1 
ATOM   483 O  O   . GLU B 1 10 ? -0.855  8.925   -12.580 1.00 50.87  ? 10 GLU B O   1 
ATOM   484 C  CB  . GLU B 1 10 ? -2.494  9.113   -15.348 1.00 47.45  ? 10 GLU B CB  1 
ATOM   485 C  CG  . GLU B 1 10 ? -2.500  9.560   -16.795 1.00 44.83  ? 10 GLU B CG  1 
ATOM   486 C  CD  . GLU B 1 10 ? -1.444  10.607  -17.066 1.00 46.36  ? 10 GLU B CD  1 
ATOM   487 O  OE1 . GLU B 1 10 ? -1.066  10.790  -18.242 1.00 48.45  ? 10 GLU B OE1 1 
ATOM   488 O  OE2 . GLU B 1 10 ? -0.992  11.257  -16.101 1.00 43.30  ? 10 GLU B OE2 1 
ATOM   489 N  N   . GLN B 1 11 ? -1.728  6.909   -13.113 1.00 51.42  ? 11 GLN B N   1 
ATOM   490 C  CA  . GLN B 1 11 ? -1.870  6.445   -11.746 1.00 50.78  ? 11 GLN B CA  1 
ATOM   491 C  C   . GLN B 1 11 ? -0.510  6.169   -11.123 1.00 50.21  ? 11 GLN B C   1 
ATOM   492 O  O   . GLN B 1 11 ? -0.277  6.468   -9.950  1.00 47.34  ? 11 GLN B O   1 
ATOM   493 C  CB  . GLN B 1 11 ? -2.728  5.180   -11.732 1.00 51.94  ? 11 GLN B CB  1 
ATOM   494 C  CG  . GLN B 1 11 ? -3.418  4.905   -10.416 1.00 50.98  ? 11 GLN B CG  1 
ATOM   495 C  CD  . GLN B 1 11 ? -4.651  4.043   -10.591 1.00 58.21  ? 11 GLN B CD  1 
ATOM   496 O  OE1 . GLN B 1 11 ? -5.516  4.335   -11.424 1.00 63.80  ? 11 GLN B OE1 1 
ATOM   497 N  NE2 . GLN B 1 11 ? -4.747  2.980   -9.796  1.00 56.27  ? 11 GLN B NE2 1 
ATOM   498 N  N   . GLN B 1 12 ? 0.393   5.596   -11.906 1.00 50.58  ? 12 GLN B N   1 
ATOM   499 C  CA  . GLN B 1 12 ? 1.712   5.311   -11.386 1.00 52.92  ? 12 GLN B CA  1 
ATOM   500 C  C   . GLN B 1 12 ? 2.464   6.636   -11.322 1.00 50.41  ? 12 GLN B C   1 
ATOM   501 O  O   . GLN B 1 12 ? 3.331   6.836   -10.475 1.00 52.12  ? 12 GLN B O   1 
ATOM   502 C  CB  . GLN B 1 12 ? 2.446   4.317   -12.288 1.00 54.25  ? 12 GLN B CB  1 
ATOM   503 C  CG  . GLN B 1 12 ? 3.563   3.582   -11.554 1.00 65.31  ? 12 GLN B CG  1 
ATOM   504 C  CD  . GLN B 1 12 ? 4.584   2.943   -12.481 1.00 74.46  ? 12 GLN B CD  1 
ATOM   505 O  OE1 . GLN B 1 12 ? 5.590   2.388   -12.024 1.00 71.02  ? 12 GLN B OE1 1 
ATOM   506 N  NE2 . GLN B 1 12 ? 4.338   3.020   -13.787 1.00 77.11  ? 12 GLN B NE2 1 
ATOM   507 N  N   . ALA B 1 13 ? 2.119   7.546   -12.223 1.00 48.26  ? 13 ALA B N   1 
ATOM   508 C  CA  . ALA B 1 13 ? 2.762   8.851   -12.258 1.00 46.72  ? 13 ALA B CA  1 
ATOM   509 C  C   . ALA B 1 13 ? 2.517   9.565   -10.934 1.00 44.74  ? 13 ALA B C   1 
ATOM   510 O  O   . ALA B 1 13 ? 3.448   10.092  -10.332 1.00 46.14  ? 13 ALA B O   1 
ATOM   511 C  CB  . ALA B 1 13 ? 2.219   9.678   -13.430 1.00 43.73  ? 13 ALA B CB  1 
ATOM   512 N  N   . MET B 1 14 ? 1.262   9.591   -10.490 1.00 44.98  ? 14 MET B N   1 
ATOM   513 C  CA  . MET B 1 14 ? 0.917   10.218  -9.220  1.00 49.13  ? 14 MET B CA  1 
ATOM   514 C  C   . MET B 1 14 ? 1.824   9.552   -8.204  1.00 51.16  ? 14 MET B C   1 
ATOM   515 O  O   . MET B 1 14 ? 2.528   10.215  -7.450  1.00 53.88  ? 14 MET B O   1 
ATOM   516 C  CB  . MET B 1 14 ? -0.540  9.933   -8.845  1.00 50.85  ? 14 MET B CB  1 
ATOM   517 C  CG  . MET B 1 14 ? -1.583  10.469  -9.805  1.00 56.81  ? 14 MET B CG  1 
ATOM   518 S  SD  . MET B 1 14 ? -1.888  12.228  -9.622  1.00 67.75  ? 14 MET B SD  1 
ATOM   519 C  CE  . MET B 1 14 ? -3.372  12.234  -8.679  1.00 60.69  ? 14 MET B CE  1 
ATOM   520 N  N   . LYS B 1 15 ? 1.799   8.223   -8.218  1.00 53.53  ? 15 LYS B N   1 
ATOM   521 C  CA  . LYS B 1 15 ? 2.597   7.383   -7.328  1.00 56.07  ? 15 LYS B CA  1 
ATOM   522 C  C   . LYS B 1 15 ? 4.081   7.748   -7.289  1.00 56.49  ? 15 LYS B C   1 
ATOM   523 O  O   . LYS B 1 15 ? 4.568   8.307   -6.305  1.00 55.88  ? 15 LYS B O   1 
ATOM   524 C  CB  . LYS B 1 15 ? 2.431   5.915   -7.747  1.00 58.18  ? 15 LYS B CB  1 
ATOM   525 C  CG  . LYS B 1 15 ? 3.449   4.939   -7.177  1.00 64.96  ? 15 LYS B CG  1 
ATOM   526 C  CD  . LYS B 1 15 ? 3.384   4.870   -5.663  1.00 72.50  ? 15 LYS B CD  1 
ATOM   527 C  CE  . LYS B 1 15 ? 4.386   3.851   -5.121  1.00 80.15  ? 15 LYS B CE  1 
ATOM   528 N  NZ  . LYS B 1 15 ? 4.435   3.816   -3.626  1.00 81.84  ? 15 LYS B NZ  1 
ATOM   529 N  N   . LEU B 1 16 ? 4.799   7.431   -8.361  1.00 56.74  ? 16 LEU B N   1 
ATOM   530 C  CA  . LEU B 1 16 ? 6.227   7.712   -8.420  1.00 57.64  ? 16 LEU B CA  1 
ATOM   531 C  C   . LEU B 1 16 ? 6.591   9.148   -8.087  1.00 58.21  ? 16 LEU B C   1 
ATOM   532 O  O   . LEU B 1 16 ? 7.610   9.390   -7.452  1.00 55.38  ? 16 LEU B O   1 
ATOM   533 C  CB  . LEU B 1 16 ? 6.788   7.344   -9.796  1.00 57.30  ? 16 LEU B CB  1 
ATOM   534 C  CG  . LEU B 1 16 ? 7.341   5.920   -9.919  1.00 62.75  ? 16 LEU B CG  1 
ATOM   535 C  CD1 . LEU B 1 16 ? 6.225   4.904   -9.717  1.00 67.26  ? 16 LEU B CD1 1 
ATOM   536 C  CD2 . LEU B 1 16 ? 7.991   5.745   -11.282 1.00 66.35  ? 16 LEU B CD2 1 
ATOM   537 N  N   . TYR B 1 17 ? 5.764   10.095  -8.515  1.00 59.39  ? 17 TYR B N   1 
ATOM   538 C  CA  . TYR B 1 17 ? 6.024   11.501  -8.238  1.00 58.34  ? 17 TYR B CA  1 
ATOM   539 C  C   . TYR B 1 17 ? 5.706   11.857  -6.795  1.00 58.89  ? 17 TYR B C   1 
ATOM   540 O  O   . TYR B 1 17 ? 6.492   12.525  -6.123  1.00 55.68  ? 17 TYR B O   1 
ATOM   541 C  CB  . TYR B 1 17 ? 5.201   12.401  -9.168  1.00 56.65  ? 17 TYR B CB  1 
ATOM   542 C  CG  . TYR B 1 17 ? 5.886   12.707  -10.478 1.00 47.80  ? 17 TYR B CG  1 
ATOM   543 C  CD1 . TYR B 1 17 ? 5.349   12.269  -11.688 1.00 43.85  ? 17 TYR B CD1 1 
ATOM   544 C  CD2 . TYR B 1 17 ? 7.082   13.416  -10.504 1.00 36.43  ? 17 TYR B CD2 1 
ATOM   545 C  CE1 . TYR B 1 17 ? 5.989   12.531  -12.892 1.00 42.36  ? 17 TYR B CE1 1 
ATOM   546 C  CE2 . TYR B 1 17 ? 7.734   13.684  -11.702 1.00 39.06  ? 17 TYR B CE2 1 
ATOM   547 C  CZ  . TYR B 1 17 ? 7.183   13.238  -12.893 1.00 43.16  ? 17 TYR B CZ  1 
ATOM   548 O  OH  . TYR B 1 17 ? 7.819   13.506  -14.086 1.00 44.24  ? 17 TYR B OH  1 
ATOM   549 N  N   . ARG B 1 18 ? 4.554   11.404  -6.318  1.00 62.58  ? 18 ARG B N   1 
ATOM   550 C  CA  . ARG B 1 18 ? 4.138   11.706  -4.956  1.00 68.05  ? 18 ARG B CA  1 
ATOM   551 C  C   . ARG B 1 18 ? 5.205   11.347  -3.920  1.00 69.54  ? 18 ARG B C   1 
ATOM   552 O  O   . ARG B 1 18 ? 5.197   11.881  -2.814  1.00 72.28  ? 18 ARG B O   1 
ATOM   553 C  CB  . ARG B 1 18 ? 2.814   10.995  -4.638  1.00 67.29  ? 18 ARG B CB  1 
ATOM   554 C  CG  . ARG B 1 18 ? 1.935   11.729  -3.623  1.00 74.79  ? 18 ARG B CG  1 
ATOM   555 C  CD  . ARG B 1 18 ? 0.543   11.120  -3.524  1.00 80.30  ? 18 ARG B CD  1 
ATOM   556 N  NE  . ARG B 1 18 ? -0.144  11.103  -4.813  1.00 93.17  ? 18 ARG B NE  1 
ATOM   557 C  CZ  . ARG B 1 18 ? -1.370  10.623  -5.005  1.00 100.02 ? 18 ARG B CZ  1 
ATOM   558 N  NH1 . ARG B 1 18 ? -2.054  10.118  -3.988  1.00 101.58 ? 18 ARG B NH1 1 
ATOM   559 N  NH2 . ARG B 1 18 ? -1.913  10.640  -6.216  1.00 102.00 ? 18 ARG B NH2 1 
ATOM   560 N  N   . GLU B 1 19 ? 6.134   10.462  -4.271  1.00 72.31  ? 19 GLU B N   1 
ATOM   561 C  CA  . GLU B 1 19 ? 7.177   10.093  -3.319  1.00 72.49  ? 19 GLU B CA  1 
ATOM   562 C  C   . GLU B 1 19 ? 8.602   10.422  -3.759  1.00 73.39  ? 19 GLU B C   1 
ATOM   563 O  O   . GLU B 1 19 ? 9.535   10.337  -2.962  1.00 71.79  ? 19 GLU B O   1 
ATOM   564 C  CB  . GLU B 1 19 ? 7.066   8.619   -2.951  1.00 74.29  ? 19 GLU B CB  1 
ATOM   565 C  CG  . GLU B 1 19 ? 7.520   7.649   -4.006  1.00 72.50  ? 19 GLU B CG  1 
ATOM   566 C  CD  . GLU B 1 19 ? 7.275   6.229   -3.561  1.00 73.66  ? 19 GLU B CD  1 
ATOM   567 O  OE1 . GLU B 1 19 ? 7.564   5.932   -2.382  1.00 77.82  ? 19 GLU B OE1 1 
ATOM   568 O  OE2 . GLU B 1 19 ? 6.796   5.414   -4.378  1.00 78.77  ? 19 GLU B OE2 1 
ATOM   569 N  N   . ALA B 1 20 ? 8.781   10.777  -5.027  1.00 73.68  ? 20 ALA B N   1 
ATOM   570 C  CA  . ALA B 1 20 ? 10.100  11.185  -5.494  1.00 71.87  ? 20 ALA B CA  1 
ATOM   571 C  C   . ALA B 1 20 ? 10.191  12.598  -4.928  1.00 71.57  ? 20 ALA B C   1 
ATOM   572 O  O   . ALA B 1 20 ? 11.239  13.242  -4.949  1.00 73.59  ? 20 ALA B O   1 
ATOM   573 C  CB  . ALA B 1 20 ? 10.151  11.222  -7.003  1.00 72.24  ? 20 ALA B CB  1 
ATOM   574 N  N   . SER B 1 21 ? 9.049   13.056  -4.419  1.00 69.83  ? 21 SER B N   1 
ATOM   575 C  CA  . SER B 1 21 ? 8.893   14.367  -3.815  1.00 68.93  ? 21 SER B CA  1 
ATOM   576 C  C   . SER B 1 21 ? 9.208   14.282  -2.329  1.00 69.29  ? 21 SER B C   1 
ATOM   577 O  O   . SER B 1 21 ? 9.660   15.259  -1.728  1.00 67.31  ? 21 SER B O   1 
ATOM   578 C  CB  . SER B 1 21 ? 7.458   14.860  -4.004  1.00 69.03  ? 21 SER B CB  1 
ATOM   579 O  OG  . SER B 1 21 ? 7.207   16.020  -3.228  1.00 70.85  ? 21 SER B OG  1 
ATOM   580 N  N   . GLU B 1 22 ? 8.948   13.114  -1.742  1.00 70.25  ? 22 GLU B N   1 
ATOM   581 C  CA  . GLU B 1 22 ? 9.221   12.880  -0.325  1.00 68.89  ? 22 GLU B CA  1 
ATOM   582 C  C   . GLU B 1 22 ? 10.726  12.998  -0.111  1.00 69.40  ? 22 GLU B C   1 
ATOM   583 O  O   . GLU B 1 22 ? 11.182  13.533  0.895   1.00 71.08  ? 22 GLU B O   1 
ATOM   584 C  CB  . GLU B 1 22 ? 8.747   11.478  0.097   1.00 67.72  ? 22 GLU B CB  1 
ATOM   585 C  CG  . GLU B 1 22 ? 7.230   11.288  0.140   1.00 68.24  ? 22 GLU B CG  1 
ATOM   586 C  CD  . GLU B 1 22 ? 6.798   9.836   0.392   1.00 70.38  ? 22 GLU B CD  1 
ATOM   587 O  OE1 . GLU B 1 22 ? 5.575   9.590   0.488   1.00 74.52  ? 22 GLU B OE1 1 
ATOM   588 O  OE2 . GLU B 1 22 ? 7.666   8.940   0.491   1.00 61.55  ? 22 GLU B OE2 1 
ATOM   589 N  N   . ARG B 1 23 ? 11.487  12.510  -1.083  1.00 66.37  ? 23 ARG B N   1 
ATOM   590 C  CA  . ARG B 1 23 ? 12.945  12.524  -1.027  1.00 68.63  ? 23 ARG B CA  1 
ATOM   591 C  C   . ARG B 1 23 ? 13.563  13.817  -1.570  1.00 70.08  ? 23 ARG B C   1 
ATOM   592 O  O   . ARG B 1 23 ? 13.852  14.746  -0.813  1.00 70.71  ? 23 ARG B O   1 
ATOM   593 C  CB  . ARG B 1 23 ? 13.489  11.347  -1.829  1.00 68.08  ? 23 ARG B CB  1 
ATOM   594 C  CG  . ARG B 1 23 ? 12.530  10.179  -1.915  1.00 68.49  ? 23 ARG B CG  1 
ATOM   595 C  CD  . ARG B 1 23 ? 12.626  9.274   -0.712  1.00 73.92  ? 23 ARG B CD  1 
ATOM   596 N  NE  . ARG B 1 23 ? 11.470  8.389   -0.623  1.00 78.51  ? 23 ARG B NE  1 
ATOM   597 C  CZ  . ARG B 1 23 ? 11.492  7.203   -0.031  1.00 84.75  ? 23 ARG B CZ  1 
ATOM   598 N  NH1 . ARG B 1 23 ? 12.618  6.762   0.514   1.00 79.00  ? 23 ARG B NH1 1 
ATOM   599 N  NH2 . ARG B 1 23 ? 10.389  6.469   0.029   1.00 86.14  ? 23 ARG B NH2 1 
ATOM   600 N  N   . VAL B 1 24 ? 13.773  13.855  -2.887  1.00 68.46  ? 24 VAL B N   1 
ATOM   601 C  CA  . VAL B 1 24 ? 14.374  15.002  -3.567  1.00 64.61  ? 24 VAL B CA  1 
ATOM   602 C  C   . VAL B 1 24 ? 13.730  16.332  -3.182  1.00 65.03  ? 24 VAL B C   1 
ATOM   603 O  O   . VAL B 1 24 ? 14.408  17.357  -3.097  1.00 67.89  ? 24 VAL B O   1 
ATOM   604 C  CB  . VAL B 1 24 ? 14.292  14.837  -5.105  1.00 65.46  ? 24 VAL B CB  1 
ATOM   605 C  CG1 . VAL B 1 24 ? 15.020  15.980  -5.788  1.00 61.56  ? 24 VAL B CG1 1 
ATOM   606 C  CG2 . VAL B 1 24 ? 14.888  13.496  -5.528  1.00 57.37  ? 24 VAL B CG2 1 
ATOM   607 N  N   . GLY B 1 25 ? 12.420  16.313  -2.966  1.00 65.02  ? 25 GLY B N   1 
ATOM   608 C  CA  . GLY B 1 25 ? 11.707  17.516  -2.571  1.00 65.94  ? 25 GLY B CA  1 
ATOM   609 C  C   . GLY B 1 25 ? 11.856  18.749  -3.449  1.00 66.40  ? 25 GLY B C   1 
ATOM   610 O  O   . GLY B 1 25 ? 11.636  19.863  -2.967  1.00 67.84  ? 25 GLY B O   1 
ATOM   611 N  N   . ASP B 1 26 ? 12.219  18.572  -4.721  1.00 65.55  ? 26 ASP B N   1 
ATOM   612 C  CA  . ASP B 1 26 ? 12.376  19.703  -5.647  1.00 62.92  ? 26 ASP B CA  1 
ATOM   613 C  C   . ASP B 1 26 ? 11.001  20.287  -5.985  1.00 60.49  ? 26 ASP B C   1 
ATOM   614 O  O   . ASP B 1 26 ? 10.078  19.551  -6.320  1.00 62.41  ? 26 ASP B O   1 
ATOM   615 C  CB  . ASP B 1 26 ? 13.064  19.239  -6.937  1.00 61.74  ? 26 ASP B CB  1 
ATOM   616 C  CG  . ASP B 1 26 ? 13.411  20.394  -7.871  1.00 61.08  ? 26 ASP B CG  1 
ATOM   617 O  OD1 . ASP B 1 26 ? 12.559  21.286  -8.069  1.00 58.11  ? 26 ASP B OD1 1 
ATOM   618 O  OD2 . ASP B 1 26 ? 14.535  20.402  -8.422  1.00 57.52  ? 26 ASP B OD2 1 
ATOM   619 N  N   . PRO B 1 27 ? 10.849  21.619  -5.916  1.00 58.42  ? 27 PRO B N   1 
ATOM   620 C  CA  . PRO B 1 27 ? 9.558   22.255  -6.221  1.00 58.64  ? 27 PRO B CA  1 
ATOM   621 C  C   . PRO B 1 27 ? 8.931   21.925  -7.590  1.00 57.32  ? 27 PRO B C   1 
ATOM   622 O  O   . PRO B 1 27 ? 7.750   22.188  -7.818  1.00 56.31  ? 27 PRO B O   1 
ATOM   623 C  CB  . PRO B 1 27 ? 9.859   23.750  -6.051  1.00 59.93  ? 27 PRO B CB  1 
ATOM   624 C  CG  . PRO B 1 27 ? 11.325  23.843  -6.352  1.00 58.58  ? 27 PRO B CG  1 
ATOM   625 C  CD  . PRO B 1 27 ? 11.879  22.632  -5.637  1.00 57.29  ? 27 PRO B CD  1 
ATOM   626 N  N   . VAL B 1 28 ? 9.714   21.343  -8.491  1.00 54.13  ? 28 VAL B N   1 
ATOM   627 C  CA  . VAL B 1 28 ? 9.208   20.981  -9.809  1.00 52.99  ? 28 VAL B CA  1 
ATOM   628 C  C   . VAL B 1 28 ? 8.326   19.731  -9.729  1.00 51.49  ? 28 VAL B C   1 
ATOM   629 O  O   . VAL B 1 28 ? 7.210   19.717  -10.249 1.00 51.58  ? 28 VAL B O   1 
ATOM   630 C  CB  . VAL B 1 28 ? 10.374  20.729  -10.793 1.00 54.31  ? 28 VAL B CB  1 
ATOM   631 C  CG1 . VAL B 1 28 ? 9.840   20.338  -12.161 1.00 57.33  ? 28 VAL B CG1 1 
ATOM   632 C  CG2 . VAL B 1 28 ? 11.215  21.979  -10.917 1.00 54.13  ? 28 VAL B CG2 1 
ATOM   633 N  N   . LEU B 1 29 ? 8.836   18.691  -9.074  1.00 50.79  ? 29 LEU B N   1 
ATOM   634 C  CA  . LEU B 1 29 ? 8.113   17.431  -8.901  1.00 46.28  ? 29 LEU B CA  1 
ATOM   635 C  C   . LEU B 1 29 ? 6.652   17.628  -8.535  1.00 47.21  ? 29 LEU B C   1 
ATOM   636 O  O   . LEU B 1 29 ? 5.777   16.922  -9.034  1.00 48.34  ? 29 LEU B O   1 
ATOM   637 C  CB  . LEU B 1 29 ? 8.769   16.590  -7.806  1.00 43.64  ? 29 LEU B CB  1 
ATOM   638 C  CG  . LEU B 1 29 ? 10.020  15.788  -8.149  1.00 42.46  ? 29 LEU B CG  1 
ATOM   639 C  CD1 . LEU B 1 29 ? 10.518  16.141  -9.542  1.00 44.91  ? 29 LEU B CD1 1 
ATOM   640 C  CD2 . LEU B 1 29 ? 11.075  16.060  -7.098  1.00 46.53  ? 29 LEU B CD2 1 
ATOM   641 N  N   . ALA B 1 30 ? 6.393   18.581  -7.652  1.00 45.47  ? 30 ALA B N   1 
ATOM   642 C  CA  . ALA B 1 30 ? 5.035   18.832  -7.220  1.00 46.24  ? 30 ALA B CA  1 
ATOM   643 C  C   . ALA B 1 30 ? 4.256   19.493  -8.336  1.00 47.24  ? 30 ALA B C   1 
ATOM   644 O  O   . ALA B 1 30 ? 3.048   19.291  -8.456  1.00 51.55  ? 30 ALA B O   1 
ATOM   645 C  CB  . ALA B 1 30 ? 5.034   19.703  -5.976  1.00 43.74  ? 30 ALA B CB  1 
ATOM   646 N  N   . LYS B 1 31 ? 4.950   20.283  -9.154  1.00 46.94  ? 31 LYS B N   1 
ATOM   647 C  CA  . LYS B 1 31 ? 4.309   20.967  -10.273 1.00 45.73  ? 31 LYS B CA  1 
ATOM   648 C  C   . LYS B 1 31 ? 3.832   19.936  -11.276 1.00 45.47  ? 31 LYS B C   1 
ATOM   649 O  O   . LYS B 1 31 ? 2.754   20.058  -11.846 1.00 44.59  ? 31 LYS B O   1 
ATOM   650 C  CB  . LYS B 1 31 ? 5.286   21.924  -10.957 1.00 44.23  ? 31 LYS B CB  1 
ATOM   651 C  CG  . LYS B 1 31 ? 5.606   23.164  -10.151 1.00 44.73  ? 31 LYS B CG  1 
ATOM   652 C  CD  . LYS B 1 31 ? 4.345   23.935  -9.792  1.00 51.33  ? 31 LYS B CD  1 
ATOM   653 C  CE  . LYS B 1 31 ? 4.663   25.102  -8.877  1.00 56.39  ? 31 LYS B CE  1 
ATOM   654 N  NZ  . LYS B 1 31 ? 3.430   25.841  -8.499  1.00 55.72  ? 31 LYS B NZ  1 
ATOM   655 N  N   . ILE B 1 32 ? 4.652   18.918  -11.489 1.00 44.22  ? 32 ILE B N   1 
ATOM   656 C  CA  . ILE B 1 32 ? 4.310   17.850  -12.407 1.00 46.50  ? 32 ILE B CA  1 
ATOM   657 C  C   . ILE B 1 32 ? 3.147   17.050  -11.831 1.00 50.72  ? 32 ILE B C   1 
ATOM   658 O  O   . ILE B 1 32 ? 2.167   16.759  -12.518 1.00 54.26  ? 32 ILE B O   1 
ATOM   659 C  CB  . ILE B 1 32 ? 5.502   16.921  -12.605 1.00 45.39  ? 32 ILE B CB  1 
ATOM   660 C  CG1 . ILE B 1 32 ? 6.700   17.735  -13.079 1.00 38.17  ? 32 ILE B CG1 1 
ATOM   661 C  CG2 . ILE B 1 32 ? 5.153   15.835  -13.589 1.00 39.29  ? 32 ILE B CG2 1 
ATOM   662 C  CD1 . ILE B 1 32 ? 7.928   16.912  -13.331 1.00 34.74  ? 32 ILE B CD1 1 
ATOM   663 N  N   . LEU B 1 33 ? 3.263   16.703  -10.555 1.00 52.23  ? 33 LEU B N   1 
ATOM   664 C  CA  . LEU B 1 33 ? 2.235   15.938  -9.876  1.00 53.73  ? 33 LEU B CA  1 
ATOM   665 C  C   . LEU B 1 33 ? 0.888   16.631  -10.054 1.00 54.58  ? 33 LEU B C   1 
ATOM   666 O  O   . LEU B 1 33 ? -0.143  15.973  -10.137 1.00 56.04  ? 33 LEU B O   1 
ATOM   667 C  CB  . LEU B 1 33 ? 2.595   15.792  -8.391  1.00 56.20  ? 33 LEU B CB  1 
ATOM   668 C  CG  . LEU B 1 33 ? 1.952   14.658  -7.584  1.00 56.54  ? 33 LEU B CG  1 
ATOM   669 C  CD1 . LEU B 1 33 ? 0.500   14.973  -7.287  1.00 56.20  ? 33 LEU B CD1 1 
ATOM   670 C  CD2 . LEU B 1 33 ? 2.071   13.359  -8.362  1.00 51.97  ? 33 LEU B CD2 1 
ATOM   671 N  N   . GLU B 1 34 ? 0.892   17.960  -10.116 1.00 57.17  ? 34 GLU B N   1 
ATOM   672 C  CA  . GLU B 1 34 ? -0.355  18.697  -10.314 1.00 58.62  ? 34 GLU B CA  1 
ATOM   673 C  C   . GLU B 1 34 ? -0.870  18.414  -11.722 1.00 57.10  ? 34 GLU B C   1 
ATOM   674 O  O   . GLU B 1 34 ? -2.068  18.259  -11.930 1.00 58.75  ? 34 GLU B O   1 
ATOM   675 C  CB  . GLU B 1 34 ? -0.150  20.212  -10.150 1.00 58.38  ? 34 GLU B CB  1 
ATOM   676 C  CG  . GLU B 1 34 ? -0.446  20.773  -8.755  1.00 69.02  ? 34 GLU B CG  1 
ATOM   677 C  CD  . GLU B 1 34 ? -0.349  22.303  -8.685  1.00 77.23  ? 34 GLU B CD  1 
ATOM   678 O  OE1 . GLU B 1 34 ? -0.608  22.875  -7.600  1.00 80.76  ? 34 GLU B OE1 1 
ATOM   679 O  OE2 . GLU B 1 34 ? -0.015  22.936  -9.713  1.00 76.44  ? 34 GLU B OE2 1 
ATOM   680 N  N   . ASP B 1 35 ? 0.044   18.342  -12.686 1.00 54.56  ? 35 ASP B N   1 
ATOM   681 C  CA  . ASP B 1 35 ? -0.323  18.090  -14.076 1.00 51.50  ? 35 ASP B CA  1 
ATOM   682 C  C   . ASP B 1 35 ? -0.927  16.714  -14.338 1.00 48.63  ? 35 ASP B C   1 
ATOM   683 O  O   . ASP B 1 35 ? -1.827  16.568  -15.164 1.00 43.37  ? 35 ASP B O   1 
ATOM   684 C  CB  . ASP B 1 35 ? 0.893   18.286  -14.979 1.00 51.04  ? 35 ASP B CB  1 
ATOM   685 C  CG  . ASP B 1 35 ? 0.991   19.692  -15.518 1.00 49.53  ? 35 ASP B CG  1 
ATOM   686 O  OD1 . ASP B 1 35 ? 1.990   20.009  -16.193 1.00 59.27  ? 35 ASP B OD1 1 
ATOM   687 O  OD2 . ASP B 1 35 ? 0.061   20.480  -15.270 1.00 46.49  ? 35 ASP B OD2 1 
ATOM   688 N  N   . GLU B 1 36 ? -0.422  15.707  -13.642 1.00 46.63  ? 36 GLU B N   1 
ATOM   689 C  CA  . GLU B 1 36 ? -0.913  14.350  -13.822 1.00 48.06  ? 36 GLU B CA  1 
ATOM   690 C  C   . GLU B 1 36 ? -2.347  14.311  -13.334 1.00 47.56  ? 36 GLU B C   1 
ATOM   691 O  O   . GLU B 1 36 ? -3.217  13.702  -13.961 1.00 46.45  ? 36 GLU B O   1 
ATOM   692 C  CB  . GLU B 1 36 ? -0.035  13.375  -13.035 1.00 47.41  ? 36 GLU B CB  1 
ATOM   693 C  CG  . GLU B 1 36 ? 1.452   13.705  -13.121 1.00 45.70  ? 36 GLU B CG  1 
ATOM   694 C  CD  . GLU B 1 36 ? 1.994   13.673  -14.538 1.00 49.89  ? 36 GLU B CD  1 
ATOM   695 O  OE1 . GLU B 1 36 ? 1.236   13.950  -15.490 1.00 51.02  ? 36 GLU B OE1 1 
ATOM   696 O  OE2 . GLU B 1 36 ? 3.197   13.388  -14.705 1.00 46.27  ? 36 GLU B OE2 1 
ATOM   697 N  N   . GLU B 1 37 ? -2.585  14.976  -12.210 1.00 49.88  ? 37 GLU B N   1 
ATOM   698 C  CA  . GLU B 1 37 ? -3.920  15.054  -11.645 1.00 52.43  ? 37 GLU B CA  1 
ATOM   699 C  C   . GLU B 1 37 ? -4.799  15.616  -12.761 1.00 51.51  ? 37 GLU B C   1 
ATOM   700 O  O   . GLU B 1 37 ? -5.824  15.041  -13.115 1.00 52.74  ? 37 GLU B O   1 
ATOM   701 C  CB  . GLU B 1 37 ? -3.933  16.003  -10.442 1.00 55.67  ? 37 GLU B CB  1 
ATOM   702 C  CG  . GLU B 1 37 ? -2.996  15.599  -9.291  1.00 68.92  ? 37 GLU B CG  1 
ATOM   703 C  CD  . GLU B 1 37 ? -2.803  16.715  -8.250  1.00 85.61  ? 37 GLU B CD  1 
ATOM   704 O  OE1 . GLU B 1 37 ? -2.209  16.450  -7.178  1.00 83.28  ? 37 GLU B OE1 1 
ATOM   705 O  OE2 . GLU B 1 37 ? -3.236  17.859  -8.506  1.00 90.53  ? 37 GLU B OE2 1 
ATOM   706 N  N   . LYS B 1 38 ? -4.364  16.732  -13.334 1.00 49.63  ? 38 LYS B N   1 
ATOM   707 C  CA  . LYS B 1 38 ? -5.103  17.381  -14.406 1.00 46.55  ? 38 LYS B CA  1 
ATOM   708 C  C   . LYS B 1 38 ? -5.379  16.430  -15.568 1.00 43.45  ? 38 LYS B C   1 
ATOM   709 O  O   . LYS B 1 38 ? -6.449  16.466  -16.172 1.00 44.22  ? 38 LYS B O   1 
ATOM   710 C  CB  . LYS B 1 38 ? -4.340  18.621  -14.888 1.00 49.56  ? 38 LYS B CB  1 
ATOM   711 C  CG  . LYS B 1 38 ? -4.970  19.320  -16.082 1.00 56.18  ? 38 LYS B CG  1 
ATOM   712 C  CD  . LYS B 1 38 ? -4.769  20.823  -16.036 1.00 68.54  ? 38 LYS B CD  1 
ATOM   713 C  CE  . LYS B 1 38 ? -5.672  21.455  -14.978 1.00 77.11  ? 38 LYS B CE  1 
ATOM   714 N  NZ  . LYS B 1 38 ? -5.680  22.950  -15.018 1.00 75.65  ? 38 LYS B NZ  1 
ATOM   715 N  N   . HIS B 1 39 ? -4.415  15.571  -15.873 1.00 41.95  ? 39 HIS B N   1 
ATOM   716 C  CA  . HIS B 1 39 ? -4.567  14.608  -16.961 1.00 40.02  ? 39 HIS B CA  1 
ATOM   717 C  C   . HIS B 1 39 ? -5.622  13.544  -16.654 1.00 41.41  ? 39 HIS B C   1 
ATOM   718 O  O   . HIS B 1 39 ? -6.379  13.146  -17.541 1.00 37.85  ? 39 HIS B O   1 
ATOM   719 C  CB  . HIS B 1 39 ? -3.223  13.956  -17.249 1.00 36.90  ? 39 HIS B CB  1 
ATOM   720 C  CG  . HIS B 1 39 ? -2.164  14.933  -17.642 1.00 41.12  ? 39 HIS B CG  1 
ATOM   721 N  ND1 . HIS B 1 39 ? -0.832  14.592  -17.747 1.00 37.17  ? 39 HIS B ND1 1 
ATOM   722 C  CD2 . HIS B 1 39 ? -2.246  16.236  -17.992 1.00 26.54  ? 39 HIS B CD2 1 
ATOM   723 C  CE1 . HIS B 1 39 ? -0.139  15.643  -18.150 1.00 36.40  ? 39 HIS B CE1 1 
ATOM   724 N  NE2 . HIS B 1 39 ? -0.974  16.653  -18.307 1.00 34.26  ? 39 HIS B NE2 1 
ATOM   725 N  N   . ILE B 1 40 ? -5.666  13.082  -15.407 1.00 42.61  ? 40 ILE B N   1 
ATOM   726 C  CA  . ILE B 1 40 ? -6.655  12.089  -15.005 1.00 46.48  ? 40 ILE B CA  1 
ATOM   727 C  C   . ILE B 1 40 ? -8.041  12.679  -15.240 1.00 48.96  ? 40 ILE B C   1 
ATOM   728 O  O   . ILE B 1 40 ? -8.939  12.014  -15.768 1.00 49.47  ? 40 ILE B O   1 
ATOM   729 C  CB  . ILE B 1 40 ? -6.510  11.737  -13.506 1.00 50.11  ? 40 ILE B CB  1 
ATOM   730 C  CG1 . ILE B 1 40 ? -5.315  10.797  -13.299 1.00 52.42  ? 40 ILE B CG1 1 
ATOM   731 C  CG2 . ILE B 1 40 ? -7.802  11.125  -12.979 1.00 47.60  ? 40 ILE B CG2 1 
ATOM   732 C  CD1 . ILE B 1 40 ? -5.517  9.400   -13.863 1.00 58.27  ? 40 ILE B CD1 1 
ATOM   733 N  N   . GLU B 1 41 ? -8.186  13.938  -14.832 1.00 50.17  ? 41 GLU B N   1 
ATOM   734 C  CA  . GLU B 1 41 ? -9.418  14.715  -14.960 1.00 51.97  ? 41 GLU B CA  1 
ATOM   735 C  C   . GLU B 1 41 ? -9.853  14.854  -16.433 1.00 51.31  ? 41 GLU B C   1 
ATOM   736 O  O   . GLU B 1 41 ? -11.036 14.698  -16.741 1.00 55.15  ? 41 GLU B O   1 
ATOM   737 C  CB  . GLU B 1 41 ? -9.193  16.096  -14.303 1.00 52.60  ? 41 GLU B CB  1 
ATOM   738 C  CG  . GLU B 1 41 ? -10.229 17.190  -14.576 1.00 59.12  ? 41 GLU B CG  1 
ATOM   739 C  CD  . GLU B 1 41 ? -9.664  18.601  -14.335 1.00 68.67  ? 41 GLU B CD  1 
ATOM   740 O  OE1 . GLU B 1 41 ? -8.533  18.861  -14.792 1.00 70.92  ? 41 GLU B OE1 1 
ATOM   741 O  OE2 . GLU B 1 41 ? -10.336 19.455  -13.705 1.00 54.60  ? 41 GLU B OE2 1 
ATOM   742 N  N   . TRP B 1 42 ? -8.911  15.129  -17.338 1.00 48.08  ? 42 TRP B N   1 
ATOM   743 C  CA  . TRP B 1 42 ? -9.247  15.272  -18.757 1.00 44.88  ? 42 TRP B CA  1 
ATOM   744 C  C   . TRP B 1 42 ? -9.498  13.936  -19.446 1.00 44.31  ? 42 TRP B C   1 
ATOM   745 O  O   . TRP B 1 42 ? -10.225 13.875  -20.433 1.00 40.19  ? 42 TRP B O   1 
ATOM   746 C  CB  . TRP B 1 42 ? -8.144  15.984  -19.541 1.00 44.05  ? 42 TRP B CB  1 
ATOM   747 C  CG  . TRP B 1 42 ? -7.813  17.372  -19.107 1.00 39.35  ? 42 TRP B CG  1 
ATOM   748 C  CD1 . TRP B 1 42 ? -8.513  18.162  -18.244 1.00 37.19  ? 42 TRP B CD1 1 
ATOM   749 C  CD2 . TRP B 1 42 ? -6.693  18.143  -19.543 1.00 36.50  ? 42 TRP B CD2 1 
ATOM   750 N  NE1 . TRP B 1 42 ? -7.891  19.380  -18.114 1.00 39.55  ? 42 TRP B NE1 1 
ATOM   751 C  CE2 . TRP B 1 42 ? -6.771  19.392  -18.902 1.00 34.59  ? 42 TRP B CE2 1 
ATOM   752 C  CE3 . TRP B 1 42 ? -5.628  17.896  -20.417 1.00 37.10  ? 42 TRP B CE3 1 
ATOM   753 C  CZ2 . TRP B 1 42 ? -5.821  20.396  -19.106 1.00 34.66  ? 42 TRP B CZ2 1 
ATOM   754 C  CZ3 . TRP B 1 42 ? -4.680  18.898  -20.622 1.00 33.52  ? 42 TRP B CZ3 1 
ATOM   755 C  CH2 . TRP B 1 42 ? -4.784  20.130  -19.967 1.00 32.80  ? 42 TRP B CH2 1 
ATOM   756 N  N   . LEU B 1 43 ? -8.872  12.875  -18.955 1.00 46.91  ? 43 LEU B N   1 
ATOM   757 C  CA  . LEU B 1 43 ? -9.064  11.557  -19.547 1.00 48.97  ? 43 LEU B CA  1 
ATOM   758 C  C   . LEU B 1 43 ? -10.530 11.169  -19.431 1.00 51.48  ? 43 LEU B C   1 
ATOM   759 O  O   . LEU B 1 43 ? -11.041 10.409  -20.247 1.00 50.85  ? 43 LEU B O   1 
ATOM   760 C  CB  . LEU B 1 43 ? -8.196  10.506  -18.844 1.00 47.41  ? 43 LEU B CB  1 
ATOM   761 C  CG  . LEU B 1 43 ? -6.693  10.524  -19.134 1.00 52.60  ? 43 LEU B CG  1 
ATOM   762 C  CD1 . LEU B 1 43 ? -6.017  9.362   -18.418 1.00 46.95  ? 43 LEU B CD1 1 
ATOM   763 C  CD2 . LEU B 1 43 ? -6.457  10.428  -20.633 1.00 48.15  ? 43 LEU B CD2 1 
ATOM   764 N  N   . GLU B 1 44 ? -11.198 11.708  -18.414 1.00 54.28  ? 44 GLU B N   1 
ATOM   765 C  CA  . GLU B 1 44 ? -12.610 11.424  -18.168 1.00 55.72  ? 44 GLU B CA  1 
ATOM   766 C  C   . GLU B 1 44 ? -13.528 12.101  -19.172 1.00 54.23  ? 44 GLU B C   1 
ATOM   767 O  O   . GLU B 1 44 ? -14.738 11.910  -19.131 1.00 55.68  ? 44 GLU B O   1 
ATOM   768 C  CB  . GLU B 1 44 ? -13.024 11.894  -16.772 1.00 55.74  ? 44 GLU B CB  1 
ATOM   769 C  CG  . GLU B 1 44 ? -12.141 11.442  -15.631 1.00 56.17  ? 44 GLU B CG  1 
ATOM   770 C  CD  . GLU B 1 44 ? -12.655 11.962  -14.302 1.00 60.72  ? 44 GLU B CD  1 
ATOM   771 O  OE1 . GLU B 1 44 ? -13.220 13.079  -14.292 1.00 65.14  ? 44 GLU B OE1 1 
ATOM   772 O  OE2 . GLU B 1 44 ? -12.488 11.267  -13.275 1.00 56.30  ? 44 GLU B OE2 1 
ATOM   773 N  N   . THR B 1 45 ? -12.958 12.908  -20.057 1.00 55.74  ? 45 THR B N   1 
ATOM   774 C  CA  . THR B 1 45 ? -13.747 13.618  -21.058 1.00 58.47  ? 45 THR B CA  1 
ATOM   775 C  C   . THR B 1 45 ? -13.577 12.941  -22.404 1.00 61.08  ? 45 THR B C   1 
ATOM   776 O  O   . THR B 1 45 ? -14.148 13.361  -23.402 1.00 61.39  ? 45 THR B O   1 
ATOM   777 C  CB  . THR B 1 45 ? -13.289 15.083  -21.198 1.00 59.37  ? 45 THR B CB  1 
ATOM   778 O  OG1 . THR B 1 45 ? -13.217 15.695  -19.905 1.00 64.44  ? 45 THR B OG1 1 
ATOM   779 C  CG2 . THR B 1 45 ? -14.279 15.860  -22.050 1.00 66.82  ? 45 THR B CG2 1 
ATOM   780 N  N   . ILE B 1 46 ? -12.777 11.888  -22.426 1.00 65.45  ? 46 ILE B N   1 
ATOM   781 C  CA  . ILE B 1 46 ? -12.525 11.169  -23.658 1.00 72.60  ? 46 ILE B CA  1 
ATOM   782 C  C   . ILE B 1 46 ? -13.524 10.021  -23.783 1.00 80.20  ? 46 ILE B C   1 
ATOM   783 O  O   . ILE B 1 46 ? -14.354 10.068  -24.716 1.00 81.68  ? 46 ILE B O   1 
ATOM   784 C  CB  . ILE B 1 46 ? -11.089 10.621  -23.668 1.00 72.25  ? 46 ILE B CB  1 
ATOM   785 C  CG1 . ILE B 1 46 ? -10.146 11.654  -23.047 1.00 68.71  ? 46 ILE B CG1 1 
ATOM   786 C  CG2 . ILE B 1 46 ? -10.650 10.338  -25.092 1.00 70.95  ? 46 ILE B CG2 1 
ATOM   787 C  CD1 . ILE B 1 46 ? -8.729  11.170  -22.873 1.00 73.66  ? 46 ILE B CD1 1 
ATOM   788 O  OXT . ILE B 1 46 ? -13.481 9.097   -22.939 1.00 62.02  ? 46 ILE B OXT 1 
HETATM 789 CD CD  . CD  C 2 .  ? 1.195   -10.602 7.522   1.00 41.55  ? 60 CD  A CD  1 
HETATM 790 CD CD  . CD  D 2 .  ? 0.537   12.658  -17.487 1.00 41.89  ? 61 CD  B CD  1 
HETATM 791 CD CD  . CD  E 2 .  ? 6.920   4.912   -0.023  1.00 92.00  ? 62 CD  B CD  1 
HETATM 792 O  O   . HOH F 3 .  ? 3.529   -13.465 8.547   0.50 38.37  ? 61 HOH A O   1 
HETATM 793 O  O   . HOH G 3 .  ? 2.899   10.206  -16.995 0.50 24.81  ? 63 HOH B O   1 
HETATM 794 O  O   . HOH G 3 .  ? 0.490   22.893  -14.725 1.00 40.28  ? 64 HOH B O   1 
# 
loop_
_pdbx_poly_seq_scheme.asym_id 
_pdbx_poly_seq_scheme.entity_id 
_pdbx_poly_seq_scheme.seq_id 
_pdbx_poly_seq_scheme.mon_id 
_pdbx_poly_seq_scheme.ndb_seq_num 
_pdbx_poly_seq_scheme.pdb_seq_num 
_pdbx_poly_seq_scheme.auth_seq_num 
_pdbx_poly_seq_scheme.pdb_mon_id 
_pdbx_poly_seq_scheme.auth_mon_id 
_pdbx_poly_seq_scheme.pdb_strand_id 
_pdbx_poly_seq_scheme.pdb_ins_code 
_pdbx_poly_seq_scheme.hetero 
A 1 1  ASP 1  1  1  ASP ASP A . n 
A 1 2  TYR 2  2  2  TYR TYR A . n 
A 1 3  LEU 3  3  3  LEU LEU A . n 
A 1 4  ARG 4  4  4  ARG ARG A . n 
A 1 5  GLU 5  5  5  GLU GLU A . n 
A 1 6  LEU 6  6  6  LEU LEU A . n 
A 1 7  TYR 7  7  7  TYR TYR A . n 
A 1 8  LYS 8  8  8  LYS LYS A . n 
A 1 9  LEU 9  9  9  LEU LEU A . n 
A 1 10 GLU 10 10 10 GLU GLU A . n 
A 1 11 GLN 11 11 11 GLN GLN A . n 
A 1 12 GLN 12 12 12 GLN GLN A . n 
A 1 13 ALA 13 13 13 ALA ALA A . n 
A 1 14 MET 14 14 14 MET MET A . n 
A 1 15 LYS 15 15 15 LYS LYS A . n 
A 1 16 LEU 16 16 16 LEU LEU A . n 
A 1 17 TYR 17 17 17 TYR TYR A . n 
A 1 18 ARG 18 18 18 ARG ARG A . n 
A 1 19 GLU 19 19 19 GLU GLU A . n 
A 1 20 ALA 20 20 20 ALA ALA A . n 
A 1 21 SER 21 21 21 SER SER A . n 
A 1 22 GLU 22 22 22 GLU GLU A . n 
A 1 23 ARG 23 23 23 ARG ARG A . n 
A 1 24 VAL 24 24 24 VAL VAL A . n 
A 1 25 GLY 25 25 25 GLY GLY A . n 
A 1 26 ASP 26 26 26 ASP ASP A . n 
A 1 27 PRO 27 27 27 PRO PRO A . n 
A 1 28 VAL 28 28 28 VAL VAL A . n 
A 1 29 LEU 29 29 29 LEU LEU A . n 
A 1 30 ALA 30 30 30 ALA ALA A . n 
A 1 31 LYS 31 31 31 LYS LYS A . n 
A 1 32 ILE 32 32 32 ILE ILE A . n 
A 1 33 LEU 33 33 33 LEU LEU A . n 
A 1 34 GLU 34 34 34 GLU GLU A . n 
A 1 35 ASP 35 35 35 ASP ASP A . n 
A 1 36 GLU 36 36 36 GLU GLU A . n 
A 1 37 GLU 37 37 37 GLU GLU A . n 
A 1 38 LYS 38 38 38 LYS LYS A . n 
A 1 39 HIS 39 39 39 HIS HIS A . n 
A 1 40 ILE 40 40 40 ILE ILE A . n 
A 1 41 GLU 41 41 41 GLU GLU A . n 
A 1 42 TRP 42 42 42 TRP TRP A . n 
A 1 43 LEU 43 43 43 LEU LEU A . n 
A 1 44 GLU 44 44 44 GLU GLU A . n 
A 1 45 THR 45 45 45 THR THR A . n 
A 1 46 ILE 46 46 46 ILE ILE A . n 
B 1 1  ASP 1  1  1  ASP ASP B . n 
B 1 2  TYR 2  2  2  TYR TYR B . n 
B 1 3  LEU 3  3  3  LEU LEU B . n 
B 1 4  ARG 4  4  4  ARG ARG B . n 
B 1 5  GLU 5  5  5  GLU GLU B . n 
B 1 6  LEU 6  6  6  LEU LEU B . n 
B 1 7  TYR 7  7  7  TYR TYR B . n 
B 1 8  LYS 8  8  8  LYS LYS B . n 
B 1 9  LEU 9  9  9  LEU LEU B . n 
B 1 10 GLU 10 10 10 GLU GLU B . n 
B 1 11 GLN 11 11 11 GLN GLN B . n 
B 1 12 GLN 12 12 12 GLN GLN B . n 
B 1 13 ALA 13 13 13 ALA ALA B . n 
B 1 14 MET 14 14 14 MET MET B . n 
B 1 15 LYS 15 15 15 LYS LYS B . n 
B 1 16 LEU 16 16 16 LEU LEU B . n 
B 1 17 TYR 17 17 17 TYR TYR B . n 
B 1 18 ARG 18 18 18 ARG ARG B . n 
B 1 19 GLU 19 19 19 GLU GLU B . n 
B 1 20 ALA 20 20 20 ALA ALA B . n 
B 1 21 SER 21 21 21 SER SER B . n 
B 1 22 GLU 22 22 22 GLU GLU B . n 
B 1 23 ARG 23 23 23 ARG ARG B . n 
B 1 24 VAL 24 24 24 VAL VAL B . n 
B 1 25 GLY 25 25 25 GLY GLY B . n 
B 1 26 ASP 26 26 26 ASP ASP B . n 
B 1 27 PRO 27 27 27 PRO PRO B . n 
B 1 28 VAL 28 28 28 VAL VAL B . n 
B 1 29 LEU 29 29 29 LEU LEU B . n 
B 1 30 ALA 30 30 30 ALA ALA B . n 
B 1 31 LYS 31 31 31 LYS LYS B . n 
B 1 32 ILE 32 32 32 ILE ILE B . n 
B 1 33 LEU 33 33 33 LEU LEU B . n 
B 1 34 GLU 34 34 34 GLU GLU B . n 
B 1 35 ASP 35 35 35 ASP ASP B . n 
B 1 36 GLU 36 36 36 GLU GLU B . n 
B 1 37 GLU 37 37 37 GLU GLU B . n 
B 1 38 LYS 38 38 38 LYS LYS B . n 
B 1 39 HIS 39 39 39 HIS HIS B . n 
B 1 40 ILE 40 40 40 ILE ILE B . n 
B 1 41 GLU 41 41 41 GLU GLU B . n 
B 1 42 TRP 42 42 42 TRP TRP B . n 
B 1 43 LEU 43 43 43 LEU LEU B . n 
B 1 44 GLU 44 44 44 GLU GLU B . n 
B 1 45 THR 45 45 45 THR THR B . n 
B 1 46 ILE 46 46 46 ILE ILE B . n 
# 
loop_
_pdbx_nonpoly_scheme.asym_id 
_pdbx_nonpoly_scheme.entity_id 
_pdbx_nonpoly_scheme.mon_id 
_pdbx_nonpoly_scheme.ndb_seq_num 
_pdbx_nonpoly_scheme.pdb_seq_num 
_pdbx_nonpoly_scheme.auth_seq_num 
_pdbx_nonpoly_scheme.pdb_mon_id 
_pdbx_nonpoly_scheme.auth_mon_id 
_pdbx_nonpoly_scheme.pdb_strand_id 
_pdbx_nonpoly_scheme.pdb_ins_code 
C 2 CD  1 60 60 CD  CD  A . 
D 2 CD  1 61 61 CD  CD  B . 
E 2 CD  1 62 62 CD  CD  B . 
F 3 HOH 1 61 2  HOH HOH A . 
G 3 HOH 1 63 1  HOH HOH B . 
G 3 HOH 2 64 3  HOH HOH B . 
# 
loop_
_pdbx_struct_assembly.id 
_pdbx_struct_assembly.details 
_pdbx_struct_assembly.method_details 
_pdbx_struct_assembly.oligomeric_details 
_pdbx_struct_assembly.oligomeric_count 
1 author_and_software_defined_assembly PISA,PQS dimeric   2 
2 author_and_software_defined_assembly PISA     monomeric 1 
3 software_defined_assembly            PQS      dimeric   2 
# 
loop_
_pdbx_struct_assembly_gen.assembly_id 
_pdbx_struct_assembly_gen.oper_expression 
_pdbx_struct_assembly_gen.asym_id_list 
1 1,2 A,C,F   
2 1   B,D,E,G 
3 1,3 B,D,E,G 
# 
loop_
_pdbx_struct_assembly_prop.biol_id 
_pdbx_struct_assembly_prop.type 
_pdbx_struct_assembly_prop.value 
_pdbx_struct_assembly_prop.details 
1 'ABSA (A^2)' 2370 ? 
1 MORE         -39  ? 
1 'SSA (A^2)'  5640 ? 
# 
loop_
_pdbx_struct_oper_list.id 
_pdbx_struct_oper_list.type 
_pdbx_struct_oper_list.name 
_pdbx_struct_oper_list.symmetry_operation 
_pdbx_struct_oper_list.matrix[1][1] 
_pdbx_struct_oper_list.matrix[1][2] 
_pdbx_struct_oper_list.matrix[1][3] 
_pdbx_struct_oper_list.vector[1] 
_pdbx_struct_oper_list.matrix[2][1] 
_pdbx_struct_oper_list.matrix[2][2] 
_pdbx_struct_oper_list.matrix[2][3] 
_pdbx_struct_oper_list.vector[2] 
_pdbx_struct_oper_list.matrix[3][1] 
_pdbx_struct_oper_list.matrix[3][2] 
_pdbx_struct_oper_list.matrix[3][3] 
_pdbx_struct_oper_list.vector[3] 
1 'identity operation'         1_555 x,y,z     1.0000000000  0.0000000000  0.0000000000 0.0000000000  0.0000000000  1.0000000000 0.0000000000  0.0000000000  0.0000000000 0.0000000000  1.0000000000  0.0000000000   
2 'crystal symmetry operation' 2_555 -x,-y,z   -0.9084340227 -0.4167871904 0.0321879515 0.8470961583  -0.4167871904 0.8971190753 -0.1465121246 1.3376430399  0.0321879515 -0.1465121246 -0.9886850525 14.9107748269  
3 'crystal symmetry operation' 2_655 -x+1,-y,z -0.9084340227 -0.4167871904 0.0321879515 10.3324362470 -0.4167871904 0.8971190753 -0.1465121246 -0.2319304501 0.0321879515 -0.1465121246 -0.9886850525 -32.3961362798 
# 
loop_
_pdbx_struct_special_symmetry.id 
_pdbx_struct_special_symmetry.PDB_model_num 
_pdbx_struct_special_symmetry.auth_asym_id 
_pdbx_struct_special_symmetry.auth_comp_id 
_pdbx_struct_special_symmetry.auth_seq_id 
_pdbx_struct_special_symmetry.PDB_ins_code 
_pdbx_struct_special_symmetry.label_asym_id 
_pdbx_struct_special_symmetry.label_comp_id 
_pdbx_struct_special_symmetry.label_seq_id 
1 1 A HOH 61 ? F HOH . 
2 1 B HOH 63 ? G HOH . 
# 
loop_
_pdbx_struct_conn_angle.id 
_pdbx_struct_conn_angle.ptnr1_label_atom_id 
_pdbx_struct_conn_angle.ptnr1_label_alt_id 
_pdbx_struct_conn_angle.ptnr1_label_asym_id 
_pdbx_struct_conn_angle.ptnr1_label_comp_id 
_pdbx_struct_conn_angle.ptnr1_label_seq_id 
_pdbx_struct_conn_angle.ptnr1_auth_atom_id 
_pdbx_struct_conn_angle.ptnr1_auth_asym_id 
_pdbx_struct_conn_angle.ptnr1_auth_comp_id 
_pdbx_struct_conn_angle.ptnr1_auth_seq_id 
_pdbx_struct_conn_angle.ptnr1_PDB_ins_code 
_pdbx_struct_conn_angle.ptnr1_symmetry 
_pdbx_struct_conn_angle.ptnr2_label_atom_id 
_pdbx_struct_conn_angle.ptnr2_label_alt_id 
_pdbx_struct_conn_angle.ptnr2_label_asym_id 
_pdbx_struct_conn_angle.ptnr2_label_comp_id 
_pdbx_struct_conn_angle.ptnr2_label_seq_id 
_pdbx_struct_conn_angle.ptnr2_auth_atom_id 
_pdbx_struct_conn_angle.ptnr2_auth_asym_id 
_pdbx_struct_conn_angle.ptnr2_auth_comp_id 
_pdbx_struct_conn_angle.ptnr2_auth_seq_id 
_pdbx_struct_conn_angle.ptnr2_PDB_ins_code 
_pdbx_struct_conn_angle.ptnr2_symmetry 
_pdbx_struct_conn_angle.ptnr3_label_atom_id 
_pdbx_struct_conn_angle.ptnr3_label_alt_id 
_pdbx_struct_conn_angle.ptnr3_label_asym_id 
_pdbx_struct_conn_angle.ptnr3_label_comp_id 
_pdbx_struct_conn_angle.ptnr3_label_seq_id 
_pdbx_struct_conn_angle.ptnr3_auth_atom_id 
_pdbx_struct_conn_angle.ptnr3_auth_asym_id 
_pdbx_struct_conn_angle.ptnr3_auth_comp_id 
_pdbx_struct_conn_angle.ptnr3_auth_seq_id 
_pdbx_struct_conn_angle.ptnr3_PDB_ins_code 
_pdbx_struct_conn_angle.ptnr3_symmetry 
_pdbx_struct_conn_angle.value 
_pdbx_struct_conn_angle.value_esd 
1  OE2 ? A GLU 10 ? A GLU 10 ? 1_555 CD ? C CD . ? A CD 60 ? 1_555 OE1 ? A GLU 10 ? A GLU 10 ? 1_555 51.3  ? 
2  OE2 ? A GLU 10 ? A GLU 10 ? 1_555 CD ? C CD . ? A CD 60 ? 1_555 OE1 ? A GLU 36 ? A GLU 36 ? 1_555 91.1  ? 
3  OE1 ? A GLU 10 ? A GLU 10 ? 1_555 CD ? C CD . ? A CD 60 ? 1_555 OE1 ? A GLU 36 ? A GLU 36 ? 1_555 139.6 ? 
4  OE2 ? A GLU 10 ? A GLU 10 ? 1_555 CD ? C CD . ? A CD 60 ? 1_555 OE1 ? A GLU 36 ? A GLU 36 ? 2_555 160.0 ? 
5  OE1 ? A GLU 10 ? A GLU 10 ? 1_555 CD ? C CD . ? A CD 60 ? 1_555 OE1 ? A GLU 36 ? A GLU 36 ? 2_555 139.9 ? 
6  OE1 ? A GLU 36 ? A GLU 36 ? 1_555 CD ? C CD . ? A CD 60 ? 1_555 OE1 ? A GLU 36 ? A GLU 36 ? 2_555 80.4  ? 
7  OE2 ? A GLU 10 ? A GLU 10 ? 1_555 CD ? C CD . ? A CD 60 ? 1_555 OE2 ? A GLU 36 ? A GLU 36 ? 2_555 129.1 ? 
8  OE1 ? A GLU 10 ? A GLU 10 ? 1_555 CD ? C CD . ? A CD 60 ? 1_555 OE2 ? A GLU 36 ? A GLU 36 ? 2_555 95.8  ? 
9  OE1 ? A GLU 36 ? A GLU 36 ? 1_555 CD ? C CD . ? A CD 60 ? 1_555 OE2 ? A GLU 36 ? A GLU 36 ? 2_555 122.4 ? 
10 OE1 ? A GLU 36 ? A GLU 36 ? 2_555 CD ? C CD . ? A CD 60 ? 1_555 OE2 ? A GLU 36 ? A GLU 36 ? 2_555 47.1  ? 
11 OE2 ? A GLU 10 ? A GLU 10 ? 1_555 CD ? C CD . ? A CD 60 ? 1_555 ND1 ? A HIS 39 ? A HIS 39 ? 1_555 108.9 ? 
12 OE1 ? A GLU 10 ? A GLU 10 ? 1_555 CD ? C CD . ? A CD 60 ? 1_555 ND1 ? A HIS 39 ? A HIS 39 ? 1_555 95.8  ? 
13 OE1 ? A GLU 36 ? A GLU 36 ? 1_555 CD ? C CD . ? A CD 60 ? 1_555 ND1 ? A HIS 39 ? A HIS 39 ? 1_555 82.0  ? 
14 OE1 ? A GLU 36 ? A GLU 36 ? 2_555 CD ? C CD . ? A CD 60 ? 1_555 ND1 ? A HIS 39 ? A HIS 39 ? 1_555 88.0  ? 
15 OE2 ? A GLU 36 ? A GLU 36 ? 2_555 CD ? C CD . ? A CD 60 ? 1_555 ND1 ? A HIS 39 ? A HIS 39 ? 1_555 112.5 ? 
16 OE1 ? B GLU 10 ? B GLU 10 ? 1_555 CD ? D CD . ? B CD 61 ? 1_555 OE2 ? B GLU 10 ? B GLU 10 ? 1_555 51.2  ? 
17 OE1 ? B GLU 10 ? B GLU 10 ? 1_555 CD ? D CD . ? B CD 61 ? 1_555 OE1 ? B GLU 36 ? B GLU 36 ? 1_555 142.2 ? 
18 OE2 ? B GLU 10 ? B GLU 10 ? 1_555 CD ? D CD . ? B CD 61 ? 1_555 OE1 ? B GLU 36 ? B GLU 36 ? 1_555 91.0  ? 
19 OE1 ? B GLU 10 ? B GLU 10 ? 1_555 CD ? D CD . ? B CD 61 ? 1_555 OE2 ? B GLU 36 ? B GLU 36 ? 2_655 85.8  ? 
20 OE2 ? B GLU 10 ? B GLU 10 ? 1_555 CD ? D CD . ? B CD 61 ? 1_555 OE2 ? B GLU 36 ? B GLU 36 ? 2_655 136.2 ? 
21 OE1 ? B GLU 36 ? B GLU 36 ? 1_555 CD ? D CD . ? B CD 61 ? 1_555 OE2 ? B GLU 36 ? B GLU 36 ? 2_655 131.8 ? 
22 OE1 ? B GLU 10 ? B GLU 10 ? 1_555 CD ? D CD . ? B CD 61 ? 1_555 ND1 ? B HIS 39 ? B HIS 39 ? 1_555 101.5 ? 
23 OE2 ? B GLU 10 ? B GLU 10 ? 1_555 CD ? D CD . ? B CD 61 ? 1_555 ND1 ? B HIS 39 ? B HIS 39 ? 1_555 99.4  ? 
24 OE1 ? B GLU 36 ? B GLU 36 ? 1_555 CD ? D CD . ? B CD 61 ? 1_555 ND1 ? B HIS 39 ? B HIS 39 ? 1_555 80.0  ? 
25 OE2 ? B GLU 36 ? B GLU 36 ? 2_655 CD ? D CD . ? B CD 61 ? 1_555 ND1 ? B HIS 39 ? B HIS 39 ? 1_555 96.9  ? 
26 OE1 ? B GLU 19 ? B GLU 19 ? 1_555 CD ? E CD . ? B CD 62 ? 1_555 OE2 ? B GLU 44 ? B GLU 44 ? 3_546 109.4 ? 
27 OE1 ? B GLU 19 ? B GLU 19 ? 1_555 CD ? E CD . ? B CD 62 ? 1_555 OE1 ? B GLU 44 ? B GLU 44 ? 3_546 158.6 ? 
28 OE2 ? B GLU 44 ? B GLU 44 ? 3_546 CD ? E CD . ? B CD 62 ? 1_555 OE1 ? B GLU 44 ? B GLU 44 ? 3_546 49.9  ? 
# 
loop_
_pdbx_audit_revision_history.ordinal 
_pdbx_audit_revision_history.data_content_type 
_pdbx_audit_revision_history.major_revision 
_pdbx_audit_revision_history.minor_revision 
_pdbx_audit_revision_history.revision_date 
1 'Structure model' 1 0 2005-03-22 
2 'Structure model' 1 1 2008-04-30 
3 'Structure model' 1 2 2011-07-13 
4 'Structure model' 1 3 2023-08-23 
# 
_pdbx_audit_revision_details.ordinal             1 
_pdbx_audit_revision_details.revision_ordinal    1 
_pdbx_audit_revision_details.data_content_type   'Structure model' 
_pdbx_audit_revision_details.provider            repository 
_pdbx_audit_revision_details.type                'Initial release' 
_pdbx_audit_revision_details.description         ? 
_pdbx_audit_revision_details.details             ? 
# 
loop_
_pdbx_audit_revision_group.ordinal 
_pdbx_audit_revision_group.revision_ordinal 
_pdbx_audit_revision_group.data_content_type 
_pdbx_audit_revision_group.group 
1 2 'Structure model' 'Version format compliance' 
2 3 'Structure model' 'Derived calculations'      
3 3 'Structure model' 'Version format compliance' 
4 4 'Structure model' 'Data collection'           
5 4 'Structure model' 'Database references'       
6 4 'Structure model' 'Derived calculations'      
7 4 'Structure model' 'Refinement description'    
# 
loop_
_pdbx_audit_revision_category.ordinal 
_pdbx_audit_revision_category.revision_ordinal 
_pdbx_audit_revision_category.data_content_type 
_pdbx_audit_revision_category.category 
1 4 'Structure model' chem_comp_atom                
2 4 'Structure model' chem_comp_bond                
3 4 'Structure model' database_2                    
4 4 'Structure model' pdbx_initial_refinement_model 
5 4 'Structure model' pdbx_struct_conn_angle        
6 4 'Structure model' struct_conn                   
7 4 'Structure model' struct_site                   
# 
loop_
_pdbx_audit_revision_item.ordinal 
_pdbx_audit_revision_item.revision_ordinal 
_pdbx_audit_revision_item.data_content_type 
_pdbx_audit_revision_item.item 
1  4 'Structure model' '_database_2.pdbx_DOI'                        
2  4 'Structure model' '_database_2.pdbx_database_accession'         
3  4 'Structure model' '_pdbx_struct_conn_angle.ptnr1_auth_comp_id'  
4  4 'Structure model' '_pdbx_struct_conn_angle.ptnr1_auth_seq_id'   
5  4 'Structure model' '_pdbx_struct_conn_angle.ptnr1_label_atom_id' 
6  4 'Structure model' '_pdbx_struct_conn_angle.ptnr1_label_comp_id' 
7  4 'Structure model' '_pdbx_struct_conn_angle.ptnr1_label_seq_id'  
8  4 'Structure model' '_pdbx_struct_conn_angle.ptnr1_symmetry'      
9  4 'Structure model' '_pdbx_struct_conn_angle.ptnr3_auth_comp_id'  
10 4 'Structure model' '_pdbx_struct_conn_angle.ptnr3_auth_seq_id'   
11 4 'Structure model' '_pdbx_struct_conn_angle.ptnr3_label_atom_id' 
12 4 'Structure model' '_pdbx_struct_conn_angle.ptnr3_label_comp_id' 
13 4 'Structure model' '_pdbx_struct_conn_angle.ptnr3_label_seq_id'  
14 4 'Structure model' '_pdbx_struct_conn_angle.ptnr3_symmetry'      
15 4 'Structure model' '_pdbx_struct_conn_angle.value'               
16 4 'Structure model' '_struct_conn.pdbx_dist_value'                
17 4 'Structure model' '_struct_conn.ptnr1_auth_asym_id'             
18 4 'Structure model' '_struct_conn.ptnr1_auth_comp_id'             
19 4 'Structure model' '_struct_conn.ptnr1_auth_seq_id'              
20 4 'Structure model' '_struct_conn.ptnr1_label_asym_id'            
21 4 'Structure model' '_struct_conn.ptnr1_label_atom_id'            
22 4 'Structure model' '_struct_conn.ptnr1_label_comp_id'            
23 4 'Structure model' '_struct_conn.ptnr1_label_seq_id'             
24 4 'Structure model' '_struct_conn.ptnr1_symmetry'                 
25 4 'Structure model' '_struct_conn.ptnr2_auth_asym_id'             
26 4 'Structure model' '_struct_conn.ptnr2_auth_comp_id'             
27 4 'Structure model' '_struct_conn.ptnr2_auth_seq_id'              
28 4 'Structure model' '_struct_conn.ptnr2_label_asym_id'            
29 4 'Structure model' '_struct_conn.ptnr2_label_atom_id'            
30 4 'Structure model' '_struct_conn.ptnr2_label_comp_id'            
31 4 'Structure model' '_struct_conn.ptnr2_label_seq_id'             
32 4 'Structure model' '_struct_conn.ptnr2_symmetry'                 
33 4 'Structure model' '_struct_site.pdbx_auth_asym_id'              
34 4 'Structure model' '_struct_site.pdbx_auth_comp_id'              
35 4 'Structure model' '_struct_site.pdbx_auth_seq_id'               
# 
loop_
_software.name 
_software.classification 
_software.version 
_software.citation_id 
_software.pdbx_ordinal 
CNS       refinement       1.1 ? 1 
DENZO     'data reduction' .   ? 2 
SCALEPACK 'data scaling'   .   ? 3 
AMoRE     phasing          .   ? 4 
# 
loop_
_pdbx_validate_torsion.id 
_pdbx_validate_torsion.PDB_model_num 
_pdbx_validate_torsion.auth_comp_id 
_pdbx_validate_torsion.auth_asym_id 
_pdbx_validate_torsion.auth_seq_id 
_pdbx_validate_torsion.PDB_ins_code 
_pdbx_validate_torsion.label_alt_id 
_pdbx_validate_torsion.phi 
_pdbx_validate_torsion.psi 
1 1 ARG A 23 ? ? -73.55 -86.23 
2 1 GLU A 44 ? ? -67.34 12.62  
3 1 LYS B 15 ? ? -50.20 -72.80 
4 1 ARG B 23 ? ? -87.44 -86.20 
# 
loop_
_chem_comp_atom.comp_id 
_chem_comp_atom.atom_id 
_chem_comp_atom.type_symbol 
_chem_comp_atom.pdbx_aromatic_flag 
_chem_comp_atom.pdbx_stereo_config 
_chem_comp_atom.pdbx_ordinal 
ALA N    N  N N 1   
ALA CA   C  N S 2   
ALA C    C  N N 3   
ALA O    O  N N 4   
ALA CB   C  N N 5   
ALA OXT  O  N N 6   
ALA H    H  N N 7   
ALA H2   H  N N 8   
ALA HA   H  N N 9   
ALA HB1  H  N N 10  
ALA HB2  H  N N 11  
ALA HB3  H  N N 12  
ALA HXT  H  N N 13  
ARG N    N  N N 14  
ARG CA   C  N S 15  
ARG C    C  N N 16  
ARG O    O  N N 17  
ARG CB   C  N N 18  
ARG CG   C  N N 19  
ARG CD   C  N N 20  
ARG NE   N  N N 21  
ARG CZ   C  N N 22  
ARG NH1  N  N N 23  
ARG NH2  N  N N 24  
ARG OXT  O  N N 25  
ARG H    H  N N 26  
ARG H2   H  N N 27  
ARG HA   H  N N 28  
ARG HB2  H  N N 29  
ARG HB3  H  N N 30  
ARG HG2  H  N N 31  
ARG HG3  H  N N 32  
ARG HD2  H  N N 33  
ARG HD3  H  N N 34  
ARG HE   H  N N 35  
ARG HH11 H  N N 36  
ARG HH12 H  N N 37  
ARG HH21 H  N N 38  
ARG HH22 H  N N 39  
ARG HXT  H  N N 40  
ASP N    N  N N 41  
ASP CA   C  N S 42  
ASP C    C  N N 43  
ASP O    O  N N 44  
ASP CB   C  N N 45  
ASP CG   C  N N 46  
ASP OD1  O  N N 47  
ASP OD2  O  N N 48  
ASP OXT  O  N N 49  
ASP H    H  N N 50  
ASP H2   H  N N 51  
ASP HA   H  N N 52  
ASP HB2  H  N N 53  
ASP HB3  H  N N 54  
ASP HD2  H  N N 55  
ASP HXT  H  N N 56  
CD  CD   CD N N 57  
GLN N    N  N N 58  
GLN CA   C  N S 59  
GLN C    C  N N 60  
GLN O    O  N N 61  
GLN CB   C  N N 62  
GLN CG   C  N N 63  
GLN CD   C  N N 64  
GLN OE1  O  N N 65  
GLN NE2  N  N N 66  
GLN OXT  O  N N 67  
GLN H    H  N N 68  
GLN H2   H  N N 69  
GLN HA   H  N N 70  
GLN HB2  H  N N 71  
GLN HB3  H  N N 72  
GLN HG2  H  N N 73  
GLN HG3  H  N N 74  
GLN HE21 H  N N 75  
GLN HE22 H  N N 76  
GLN HXT  H  N N 77  
GLU N    N  N N 78  
GLU CA   C  N S 79  
GLU C    C  N N 80  
GLU O    O  N N 81  
GLU CB   C  N N 82  
GLU CG   C  N N 83  
GLU CD   C  N N 84  
GLU OE1  O  N N 85  
GLU OE2  O  N N 86  
GLU OXT  O  N N 87  
GLU H    H  N N 88  
GLU H2   H  N N 89  
GLU HA   H  N N 90  
GLU HB2  H  N N 91  
GLU HB3  H  N N 92  
GLU HG2  H  N N 93  
GLU HG3  H  N N 94  
GLU HE2  H  N N 95  
GLU HXT  H  N N 96  
GLY N    N  N N 97  
GLY CA   C  N N 98  
GLY C    C  N N 99  
GLY O    O  N N 100 
GLY OXT  O  N N 101 
GLY H    H  N N 102 
GLY H2   H  N N 103 
GLY HA2  H  N N 104 
GLY HA3  H  N N 105 
GLY HXT  H  N N 106 
HIS N    N  N N 107 
HIS CA   C  N S 108 
HIS C    C  N N 109 
HIS O    O  N N 110 
HIS CB   C  N N 111 
HIS CG   C  Y N 112 
HIS ND1  N  Y N 113 
HIS CD2  C  Y N 114 
HIS CE1  C  Y N 115 
HIS NE2  N  Y N 116 
HIS OXT  O  N N 117 
HIS H    H  N N 118 
HIS H2   H  N N 119 
HIS HA   H  N N 120 
HIS HB2  H  N N 121 
HIS HB3  H  N N 122 
HIS HD1  H  N N 123 
HIS HD2  H  N N 124 
HIS HE1  H  N N 125 
HIS HE2  H  N N 126 
HIS HXT  H  N N 127 
HOH O    O  N N 128 
HOH H1   H  N N 129 
HOH H2   H  N N 130 
ILE N    N  N N 131 
ILE CA   C  N S 132 
ILE C    C  N N 133 
ILE O    O  N N 134 
ILE CB   C  N S 135 
ILE CG1  C  N N 136 
ILE CG2  C  N N 137 
ILE CD1  C  N N 138 
ILE OXT  O  N N 139 
ILE H    H  N N 140 
ILE H2   H  N N 141 
ILE HA   H  N N 142 
ILE HB   H  N N 143 
ILE HG12 H  N N 144 
ILE HG13 H  N N 145 
ILE HG21 H  N N 146 
ILE HG22 H  N N 147 
ILE HG23 H  N N 148 
ILE HD11 H  N N 149 
ILE HD12 H  N N 150 
ILE HD13 H  N N 151 
ILE HXT  H  N N 152 
LEU N    N  N N 153 
LEU CA   C  N S 154 
LEU C    C  N N 155 
LEU O    O  N N 156 
LEU CB   C  N N 157 
LEU CG   C  N N 158 
LEU CD1  C  N N 159 
LEU CD2  C  N N 160 
LEU OXT  O  N N 161 
LEU H    H  N N 162 
LEU H2   H  N N 163 
LEU HA   H  N N 164 
LEU HB2  H  N N 165 
LEU HB3  H  N N 166 
LEU HG   H  N N 167 
LEU HD11 H  N N 168 
LEU HD12 H  N N 169 
LEU HD13 H  N N 170 
LEU HD21 H  N N 171 
LEU HD22 H  N N 172 
LEU HD23 H  N N 173 
LEU HXT  H  N N 174 
LYS N    N  N N 175 
LYS CA   C  N S 176 
LYS C    C  N N 177 
LYS O    O  N N 178 
LYS CB   C  N N 179 
LYS CG   C  N N 180 
LYS CD   C  N N 181 
LYS CE   C  N N 182 
LYS NZ   N  N N 183 
LYS OXT  O  N N 184 
LYS H    H  N N 185 
LYS H2   H  N N 186 
LYS HA   H  N N 187 
LYS HB2  H  N N 188 
LYS HB3  H  N N 189 
LYS HG2  H  N N 190 
LYS HG3  H  N N 191 
LYS HD2  H  N N 192 
LYS HD3  H  N N 193 
LYS HE2  H  N N 194 
LYS HE3  H  N N 195 
LYS HZ1  H  N N 196 
LYS HZ2  H  N N 197 
LYS HZ3  H  N N 198 
LYS HXT  H  N N 199 
MET N    N  N N 200 
MET CA   C  N S 201 
MET C    C  N N 202 
MET O    O  N N 203 
MET CB   C  N N 204 
MET CG   C  N N 205 
MET SD   S  N N 206 
MET CE   C  N N 207 
MET OXT  O  N N 208 
MET H    H  N N 209 
MET H2   H  N N 210 
MET HA   H  N N 211 
MET HB2  H  N N 212 
MET HB3  H  N N 213 
MET HG2  H  N N 214 
MET HG3  H  N N 215 
MET HE1  H  N N 216 
MET HE2  H  N N 217 
MET HE3  H  N N 218 
MET HXT  H  N N 219 
PRO N    N  N N 220 
PRO CA   C  N S 221 
PRO C    C  N N 222 
PRO O    O  N N 223 
PRO CB   C  N N 224 
PRO CG   C  N N 225 
PRO CD   C  N N 226 
PRO OXT  O  N N 227 
PRO H    H  N N 228 
PRO HA   H  N N 229 
PRO HB2  H  N N 230 
PRO HB3  H  N N 231 
PRO HG2  H  N N 232 
PRO HG3  H  N N 233 
PRO HD2  H  N N 234 
PRO HD3  H  N N 235 
PRO HXT  H  N N 236 
SER N    N  N N 237 
SER CA   C  N S 238 
SER C    C  N N 239 
SER O    O  N N 240 
SER CB   C  N N 241 
SER OG   O  N N 242 
SER OXT  O  N N 243 
SER H    H  N N 244 
SER H2   H  N N 245 
SER HA   H  N N 246 
SER HB2  H  N N 247 
SER HB3  H  N N 248 
SER HG   H  N N 249 
SER HXT  H  N N 250 
THR N    N  N N 251 
THR CA   C  N S 252 
THR C    C  N N 253 
THR O    O  N N 254 
THR CB   C  N R 255 
THR OG1  O  N N 256 
THR CG2  C  N N 257 
THR OXT  O  N N 258 
THR H    H  N N 259 
THR H2   H  N N 260 
THR HA   H  N N 261 
THR HB   H  N N 262 
THR HG1  H  N N 263 
THR HG21 H  N N 264 
THR HG22 H  N N 265 
THR HG23 H  N N 266 
THR HXT  H  N N 267 
TRP N    N  N N 268 
TRP CA   C  N S 269 
TRP C    C  N N 270 
TRP O    O  N N 271 
TRP CB   C  N N 272 
TRP CG   C  Y N 273 
TRP CD1  C  Y N 274 
TRP CD2  C  Y N 275 
TRP NE1  N  Y N 276 
TRP CE2  C  Y N 277 
TRP CE3  C  Y N 278 
TRP CZ2  C  Y N 279 
TRP CZ3  C  Y N 280 
TRP CH2  C  Y N 281 
TRP OXT  O  N N 282 
TRP H    H  N N 283 
TRP H2   H  N N 284 
TRP HA   H  N N 285 
TRP HB2  H  N N 286 
TRP HB3  H  N N 287 
TRP HD1  H  N N 288 
TRP HE1  H  N N 289 
TRP HE3  H  N N 290 
TRP HZ2  H  N N 291 
TRP HZ3  H  N N 292 
TRP HH2  H  N N 293 
TRP HXT  H  N N 294 
TYR N    N  N N 295 
TYR CA   C  N S 296 
TYR C    C  N N 297 
TYR O    O  N N 298 
TYR CB   C  N N 299 
TYR CG   C  Y N 300 
TYR CD1  C  Y N 301 
TYR CD2  C  Y N 302 
TYR CE1  C  Y N 303 
TYR CE2  C  Y N 304 
TYR CZ   C  Y N 305 
TYR OH   O  N N 306 
TYR OXT  O  N N 307 
TYR H    H  N N 308 
TYR H2   H  N N 309 
TYR HA   H  N N 310 
TYR HB2  H  N N 311 
TYR HB3  H  N N 312 
TYR HD1  H  N N 313 
TYR HD2  H  N N 314 
TYR HE1  H  N N 315 
TYR HE2  H  N N 316 
TYR HH   H  N N 317 
TYR HXT  H  N N 318 
VAL N    N  N N 319 
VAL CA   C  N S 320 
VAL C    C  N N 321 
VAL O    O  N N 322 
VAL CB   C  N N 323 
VAL CG1  C  N N 324 
VAL CG2  C  N N 325 
VAL OXT  O  N N 326 
VAL H    H  N N 327 
VAL H2   H  N N 328 
VAL HA   H  N N 329 
VAL HB   H  N N 330 
VAL HG11 H  N N 331 
VAL HG12 H  N N 332 
VAL HG13 H  N N 333 
VAL HG21 H  N N 334 
VAL HG22 H  N N 335 
VAL HG23 H  N N 336 
VAL HXT  H  N N 337 
# 
loop_
_chem_comp_bond.comp_id 
_chem_comp_bond.atom_id_1 
_chem_comp_bond.atom_id_2 
_chem_comp_bond.value_order 
_chem_comp_bond.pdbx_aromatic_flag 
_chem_comp_bond.pdbx_stereo_config 
_chem_comp_bond.pdbx_ordinal 
ALA N   CA   sing N N 1   
ALA N   H    sing N N 2   
ALA N   H2   sing N N 3   
ALA CA  C    sing N N 4   
ALA CA  CB   sing N N 5   
ALA CA  HA   sing N N 6   
ALA C   O    doub N N 7   
ALA C   OXT  sing N N 8   
ALA CB  HB1  sing N N 9   
ALA CB  HB2  sing N N 10  
ALA CB  HB3  sing N N 11  
ALA OXT HXT  sing N N 12  
ARG N   CA   sing N N 13  
ARG N   H    sing N N 14  
ARG N   H2   sing N N 15  
ARG CA  C    sing N N 16  
ARG CA  CB   sing N N 17  
ARG CA  HA   sing N N 18  
ARG C   O    doub N N 19  
ARG C   OXT  sing N N 20  
ARG CB  CG   sing N N 21  
ARG CB  HB2  sing N N 22  
ARG CB  HB3  sing N N 23  
ARG CG  CD   sing N N 24  
ARG CG  HG2  sing N N 25  
ARG CG  HG3  sing N N 26  
ARG CD  NE   sing N N 27  
ARG CD  HD2  sing N N 28  
ARG CD  HD3  sing N N 29  
ARG NE  CZ   sing N N 30  
ARG NE  HE   sing N N 31  
ARG CZ  NH1  sing N N 32  
ARG CZ  NH2  doub N N 33  
ARG NH1 HH11 sing N N 34  
ARG NH1 HH12 sing N N 35  
ARG NH2 HH21 sing N N 36  
ARG NH2 HH22 sing N N 37  
ARG OXT HXT  sing N N 38  
ASP N   CA   sing N N 39  
ASP N   H    sing N N 40  
ASP N   H2   sing N N 41  
ASP CA  C    sing N N 42  
ASP CA  CB   sing N N 43  
ASP CA  HA   sing N N 44  
ASP C   O    doub N N 45  
ASP C   OXT  sing N N 46  
ASP CB  CG   sing N N 47  
ASP CB  HB2  sing N N 48  
ASP CB  HB3  sing N N 49  
ASP CG  OD1  doub N N 50  
ASP CG  OD2  sing N N 51  
ASP OD2 HD2  sing N N 52  
ASP OXT HXT  sing N N 53  
GLN N   CA   sing N N 54  
GLN N   H    sing N N 55  
GLN N   H2   sing N N 56  
GLN CA  C    sing N N 57  
GLN CA  CB   sing N N 58  
GLN CA  HA   sing N N 59  
GLN C   O    doub N N 60  
GLN C   OXT  sing N N 61  
GLN CB  CG   sing N N 62  
GLN CB  HB2  sing N N 63  
GLN CB  HB3  sing N N 64  
GLN CG  CD   sing N N 65  
GLN CG  HG2  sing N N 66  
GLN CG  HG3  sing N N 67  
GLN CD  OE1  doub N N 68  
GLN CD  NE2  sing N N 69  
GLN NE2 HE21 sing N N 70  
GLN NE2 HE22 sing N N 71  
GLN OXT HXT  sing N N 72  
GLU N   CA   sing N N 73  
GLU N   H    sing N N 74  
GLU N   H2   sing N N 75  
GLU CA  C    sing N N 76  
GLU CA  CB   sing N N 77  
GLU CA  HA   sing N N 78  
GLU C   O    doub N N 79  
GLU C   OXT  sing N N 80  
GLU CB  CG   sing N N 81  
GLU CB  HB2  sing N N 82  
GLU CB  HB3  sing N N 83  
GLU CG  CD   sing N N 84  
GLU CG  HG2  sing N N 85  
GLU CG  HG3  sing N N 86  
GLU CD  OE1  doub N N 87  
GLU CD  OE2  sing N N 88  
GLU OE2 HE2  sing N N 89  
GLU OXT HXT  sing N N 90  
GLY N   CA   sing N N 91  
GLY N   H    sing N N 92  
GLY N   H2   sing N N 93  
GLY CA  C    sing N N 94  
GLY CA  HA2  sing N N 95  
GLY CA  HA3  sing N N 96  
GLY C   O    doub N N 97  
GLY C   OXT  sing N N 98  
GLY OXT HXT  sing N N 99  
HIS N   CA   sing N N 100 
HIS N   H    sing N N 101 
HIS N   H2   sing N N 102 
HIS CA  C    sing N N 103 
HIS CA  CB   sing N N 104 
HIS CA  HA   sing N N 105 
HIS C   O    doub N N 106 
HIS C   OXT  sing N N 107 
HIS CB  CG   sing N N 108 
HIS CB  HB2  sing N N 109 
HIS CB  HB3  sing N N 110 
HIS CG  ND1  sing Y N 111 
HIS CG  CD2  doub Y N 112 
HIS ND1 CE1  doub Y N 113 
HIS ND1 HD1  sing N N 114 
HIS CD2 NE2  sing Y N 115 
HIS CD2 HD2  sing N N 116 
HIS CE1 NE2  sing Y N 117 
HIS CE1 HE1  sing N N 118 
HIS NE2 HE2  sing N N 119 
HIS OXT HXT  sing N N 120 
HOH O   H1   sing N N 121 
HOH O   H2   sing N N 122 
ILE N   CA   sing N N 123 
ILE N   H    sing N N 124 
ILE N   H2   sing N N 125 
ILE CA  C    sing N N 126 
ILE CA  CB   sing N N 127 
ILE CA  HA   sing N N 128 
ILE C   O    doub N N 129 
ILE C   OXT  sing N N 130 
ILE CB  CG1  sing N N 131 
ILE CB  CG2  sing N N 132 
ILE CB  HB   sing N N 133 
ILE CG1 CD1  sing N N 134 
ILE CG1 HG12 sing N N 135 
ILE CG1 HG13 sing N N 136 
ILE CG2 HG21 sing N N 137 
ILE CG2 HG22 sing N N 138 
ILE CG2 HG23 sing N N 139 
ILE CD1 HD11 sing N N 140 
ILE CD1 HD12 sing N N 141 
ILE CD1 HD13 sing N N 142 
ILE OXT HXT  sing N N 143 
LEU N   CA   sing N N 144 
LEU N   H    sing N N 145 
LEU N   H2   sing N N 146 
LEU CA  C    sing N N 147 
LEU CA  CB   sing N N 148 
LEU CA  HA   sing N N 149 
LEU C   O    doub N N 150 
LEU C   OXT  sing N N 151 
LEU CB  CG   sing N N 152 
LEU CB  HB2  sing N N 153 
LEU CB  HB3  sing N N 154 
LEU CG  CD1  sing N N 155 
LEU CG  CD2  sing N N 156 
LEU CG  HG   sing N N 157 
LEU CD1 HD11 sing N N 158 
LEU CD1 HD12 sing N N 159 
LEU CD1 HD13 sing N N 160 
LEU CD2 HD21 sing N N 161 
LEU CD2 HD22 sing N N 162 
LEU CD2 HD23 sing N N 163 
LEU OXT HXT  sing N N 164 
LYS N   CA   sing N N 165 
LYS N   H    sing N N 166 
LYS N   H2   sing N N 167 
LYS CA  C    sing N N 168 
LYS CA  CB   sing N N 169 
LYS CA  HA   sing N N 170 
LYS C   O    doub N N 171 
LYS C   OXT  sing N N 172 
LYS CB  CG   sing N N 173 
LYS CB  HB2  sing N N 174 
LYS CB  HB3  sing N N 175 
LYS CG  CD   sing N N 176 
LYS CG  HG2  sing N N 177 
LYS CG  HG3  sing N N 178 
LYS CD  CE   sing N N 179 
LYS CD  HD2  sing N N 180 
LYS CD  HD3  sing N N 181 
LYS CE  NZ   sing N N 182 
LYS CE  HE2  sing N N 183 
LYS CE  HE3  sing N N 184 
LYS NZ  HZ1  sing N N 185 
LYS NZ  HZ2  sing N N 186 
LYS NZ  HZ3  sing N N 187 
LYS OXT HXT  sing N N 188 
MET N   CA   sing N N 189 
MET N   H    sing N N 190 
MET N   H2   sing N N 191 
MET CA  C    sing N N 192 
MET CA  CB   sing N N 193 
MET CA  HA   sing N N 194 
MET C   O    doub N N 195 
MET C   OXT  sing N N 196 
MET CB  CG   sing N N 197 
MET CB  HB2  sing N N 198 
MET CB  HB3  sing N N 199 
MET CG  SD   sing N N 200 
MET CG  HG2  sing N N 201 
MET CG  HG3  sing N N 202 
MET SD  CE   sing N N 203 
MET CE  HE1  sing N N 204 
MET CE  HE2  sing N N 205 
MET CE  HE3  sing N N 206 
MET OXT HXT  sing N N 207 
PRO N   CA   sing N N 208 
PRO N   CD   sing N N 209 
PRO N   H    sing N N 210 
PRO CA  C    sing N N 211 
PRO CA  CB   sing N N 212 
PRO CA  HA   sing N N 213 
PRO C   O    doub N N 214 
PRO C   OXT  sing N N 215 
PRO CB  CG   sing N N 216 
PRO CB  HB2  sing N N 217 
PRO CB  HB3  sing N N 218 
PRO CG  CD   sing N N 219 
PRO CG  HG2  sing N N 220 
PRO CG  HG3  sing N N 221 
PRO CD  HD2  sing N N 222 
PRO CD  HD3  sing N N 223 
PRO OXT HXT  sing N N 224 
SER N   CA   sing N N 225 
SER N   H    sing N N 226 
SER N   H2   sing N N 227 
SER CA  C    sing N N 228 
SER CA  CB   sing N N 229 
SER CA  HA   sing N N 230 
SER C   O    doub N N 231 
SER C   OXT  sing N N 232 
SER CB  OG   sing N N 233 
SER CB  HB2  sing N N 234 
SER CB  HB3  sing N N 235 
SER OG  HG   sing N N 236 
SER OXT HXT  sing N N 237 
THR N   CA   sing N N 238 
THR N   H    sing N N 239 
THR N   H2   sing N N 240 
THR CA  C    sing N N 241 
THR CA  CB   sing N N 242 
THR CA  HA   sing N N 243 
THR C   O    doub N N 244 
THR C   OXT  sing N N 245 
THR CB  OG1  sing N N 246 
THR CB  CG2  sing N N 247 
THR CB  HB   sing N N 248 
THR OG1 HG1  sing N N 249 
THR CG2 HG21 sing N N 250 
THR CG2 HG22 sing N N 251 
THR CG2 HG23 sing N N 252 
THR OXT HXT  sing N N 253 
TRP N   CA   sing N N 254 
TRP N   H    sing N N 255 
TRP N   H2   sing N N 256 
TRP CA  C    sing N N 257 
TRP CA  CB   sing N N 258 
TRP CA  HA   sing N N 259 
TRP C   O    doub N N 260 
TRP C   OXT  sing N N 261 
TRP CB  CG   sing N N 262 
TRP CB  HB2  sing N N 263 
TRP CB  HB3  sing N N 264 
TRP CG  CD1  doub Y N 265 
TRP CG  CD2  sing Y N 266 
TRP CD1 NE1  sing Y N 267 
TRP CD1 HD1  sing N N 268 
TRP CD2 CE2  doub Y N 269 
TRP CD2 CE3  sing Y N 270 
TRP NE1 CE2  sing Y N 271 
TRP NE1 HE1  sing N N 272 
TRP CE2 CZ2  sing Y N 273 
TRP CE3 CZ3  doub Y N 274 
TRP CE3 HE3  sing N N 275 
TRP CZ2 CH2  doub Y N 276 
TRP CZ2 HZ2  sing N N 277 
TRP CZ3 CH2  sing Y N 278 
TRP CZ3 HZ3  sing N N 279 
TRP CH2 HH2  sing N N 280 
TRP OXT HXT  sing N N 281 
TYR N   CA   sing N N 282 
TYR N   H    sing N N 283 
TYR N   H2   sing N N 284 
TYR CA  C    sing N N 285 
TYR CA  CB   sing N N 286 
TYR CA  HA   sing N N 287 
TYR C   O    doub N N 288 
TYR C   OXT  sing N N 289 
TYR CB  CG   sing N N 290 
TYR CB  HB2  sing N N 291 
TYR CB  HB3  sing N N 292 
TYR CG  CD1  doub Y N 293 
TYR CG  CD2  sing Y N 294 
TYR CD1 CE1  sing Y N 295 
TYR CD1 HD1  sing N N 296 
TYR CD2 CE2  doub Y N 297 
TYR CD2 HD2  sing N N 298 
TYR CE1 CZ   doub Y N 299 
TYR CE1 HE1  sing N N 300 
TYR CE2 CZ   sing Y N 301 
TYR CE2 HE2  sing N N 302 
TYR CZ  OH   sing N N 303 
TYR OH  HH   sing N N 304 
TYR OXT HXT  sing N N 305 
VAL N   CA   sing N N 306 
VAL N   H    sing N N 307 
VAL N   H2   sing N N 308 
VAL CA  C    sing N N 309 
VAL CA  CB   sing N N 310 
VAL CA  HA   sing N N 311 
VAL C   O    doub N N 312 
VAL C   OXT  sing N N 313 
VAL CB  CG1  sing N N 314 
VAL CB  CG2  sing N N 315 
VAL CB  HB   sing N N 316 
VAL CG1 HG11 sing N N 317 
VAL CG1 HG12 sing N N 318 
VAL CG1 HG13 sing N N 319 
VAL CG2 HG21 sing N N 320 
VAL CG2 HG22 sing N N 321 
VAL CG2 HG23 sing N N 322 
VAL OXT HXT  sing N N 323 
# 
loop_
_pdbx_entity_nonpoly.entity_id 
_pdbx_entity_nonpoly.name 
_pdbx_entity_nonpoly.comp_id 
2 'CADMIUM ION' CD  
3 water         HOH 
# 
_pdbx_initial_refinement_model.id               1 
_pdbx_initial_refinement_model.entity_id_list   ? 
_pdbx_initial_refinement_model.type             'experimental model' 
_pdbx_initial_refinement_model.source_name      PDB 
_pdbx_initial_refinement_model.accession_code   1EC5 
_pdbx_initial_refinement_model.details          'PDB ENTRY 1EC5' 
# 
